data_8IHG
#
_entry.id   8IHG
#
_cell.length_a   153.475
_cell.length_b   153.475
_cell.length_c   312.036
_cell.angle_alpha   90.00
_cell.angle_beta   90.00
_cell.angle_gamma   120.00
#
_symmetry.space_group_name_H-M   'P 61 2 2'
#
loop_
_entity.id
_entity.type
_entity.pdbx_description
1 polymer '2-aminophenol 1,6-dioxygenase beta subunit'
2 polymer '2-aminophenol 1,6-dioxygenase alpha subunit'
3 non-polymer 'ZINC ION'
4 non-polymer 2-AMINOPHENOL
5 non-polymer GLYCEROL
6 water water
#
loop_
_entity_poly.entity_id
_entity_poly.type
_entity_poly.pdbx_seq_one_letter_code
_entity_poly.pdbx_strand_id
1 'polypeptide(L)'
;MANGEIISGFIAPHPPHLVYGENPPQNEPKSTGGWEQLRWAYERARASIEELKPDVLLVHSPHWITSVGHHFIGVDHLQG
RSVDPIFPNLFRFDYSINFDVELSEACCEEGRKAGLVTKMMRNPRFRPDYGTITTLHMIRPQWDIPVVSISANNTPYYLS
MEEGLGEMDVLGKATREAILKSGKRAVLLASNTLSHWHFHEEPVPPEDMSKEHPQTKIGYEWDMRMIELMRQGRMEEVFQ
LLPQFIEEAFAEVKSGAFTWMHAAMQYPNLPAELHGYGTVIGTGNAVVEWNLVKAGLARVAGKAA
;
A,C
2 'polypeptide(L)'
;TIVSAFLVPGSPLPHLRPDVKSWESFKVAMQNVGEKLRASKPDVVLIYSTQWFAVLDEIWLTRQRSLDIHVDENWHEFGE
LPYDIYSDVDLANACIESCRAAGVNARGADYESFPIDTGTIVACNALKVGTSDLPVVVASNNLYDDQAATERLAALAVAC
ISEKGKRIAVIGVGGLSGSVFTTAIDPAEDRVVKAVEDDCNKNILSLMESGNIQALREALKSYSKEARAEMGFKHFHWLL
GALDGHFKGATVHHYGALYGSGAAVVEFSIAA
;
B,D
#
loop_
_chem_comp.id
_chem_comp.type
_chem_comp.name
_chem_comp.formula
2AF non-polymer 2-AMINOPHENOL 'C6 H7 N O'
GOL non-polymer GLYCEROL 'C3 H8 O3'
ZN non-polymer 'ZINC ION' 'Zn 2'
#
# COMPACT_ATOMS: atom_id res chain seq x y z
N ALA A 2 46.00 -0.10 13.68
CA ALA A 2 44.94 0.85 14.05
C ALA A 2 44.45 1.63 12.82
N ASN A 3 44.14 0.88 11.74
CA ASN A 3 43.82 1.43 10.44
C ASN A 3 42.37 1.22 10.05
N GLY A 4 41.53 0.77 10.98
CA GLY A 4 40.13 0.39 10.74
C GLY A 4 39.19 1.57 10.54
N GLU A 5 38.03 1.34 9.95
CA GLU A 5 37.06 2.44 9.70
C GLU A 5 35.66 1.92 9.36
N ILE A 6 34.64 2.72 9.64
CA ILE A 6 33.23 2.38 9.32
C ILE A 6 33.01 2.75 7.86
N ILE A 7 32.63 1.80 7.02
CA ILE A 7 32.49 2.07 5.56
C ILE A 7 31.04 2.43 5.21
N SER A 8 30.07 1.94 5.95
CA SER A 8 28.66 2.28 5.63
C SER A 8 27.77 2.11 6.86
N GLY A 9 26.63 2.78 6.86
CA GLY A 9 25.63 2.69 7.92
C GLY A 9 24.30 2.46 7.27
N PHE A 10 23.45 1.61 7.82
CA PHE A 10 22.16 1.33 7.16
C PHE A 10 21.03 1.28 8.17
N ILE A 11 19.82 1.68 7.75
CA ILE A 11 18.62 1.46 8.59
C ILE A 11 18.09 0.15 8.04
N ALA A 12 18.43 -0.98 8.64
CA ALA A 12 18.00 -2.29 8.10
C ALA A 12 16.85 -2.85 8.93
N PRO A 13 15.59 -2.65 8.51
CA PRO A 13 14.45 -3.13 9.27
C PRO A 13 14.39 -4.65 9.28
N HIS A 14 13.70 -5.23 10.25
CA HIS A 14 13.68 -6.71 10.38
C HIS A 14 12.25 -7.26 10.33
N PRO A 15 11.40 -6.96 9.33
CA PRO A 15 10.08 -7.51 9.32
C PRO A 15 10.31 -8.93 8.82
N PRO A 16 9.77 -9.96 9.48
CA PRO A 16 9.95 -11.34 9.05
C PRO A 16 9.23 -11.76 7.75
N HIS A 17 8.33 -10.92 7.25
CA HIS A 17 7.55 -11.13 6.02
C HIS A 17 8.45 -11.10 4.80
N LEU A 18 9.54 -10.34 4.86
CA LEU A 18 10.52 -10.26 3.76
C LEU A 18 11.19 -11.61 3.56
N VAL A 19 11.55 -12.27 4.65
CA VAL A 19 12.21 -13.60 4.58
C VAL A 19 11.14 -14.60 4.16
N TYR A 20 9.94 -14.49 4.71
CA TYR A 20 8.82 -15.39 4.35
C TYR A 20 8.64 -15.37 2.85
N GLY A 21 8.54 -14.16 2.29
CA GLY A 21 8.29 -13.94 0.85
C GLY A 21 9.45 -14.37 -0.02
N GLU A 22 10.66 -14.36 0.51
CA GLU A 22 11.83 -14.75 -0.30
C GLU A 22 11.92 -16.27 -0.43
N ASN A 23 11.33 -17.00 0.51
CA ASN A 23 11.35 -18.48 0.50
C ASN A 23 12.78 -18.98 0.38
N PRO A 24 13.71 -18.60 1.29
CA PRO A 24 15.07 -19.08 1.23
C PRO A 24 15.10 -20.48 1.87
N PRO A 25 16.14 -21.30 1.66
CA PRO A 25 16.16 -22.64 2.22
C PRO A 25 16.22 -22.75 3.74
N GLN A 26 16.61 -21.70 4.45
CA GLN A 26 16.70 -21.71 5.92
C GLN A 26 15.32 -21.51 6.55
N ASN A 27 14.35 -21.01 5.81
CA ASN A 27 12.99 -20.78 6.36
C ASN A 27 12.09 -21.96 6.05
N GLU A 28 11.30 -22.41 7.00
CA GLU A 28 10.48 -23.63 6.78
C GLU A 28 9.19 -23.30 6.05
N PRO A 29 8.46 -22.22 6.39
CA PRO A 29 7.23 -21.91 5.68
C PRO A 29 7.44 -21.57 4.21
N LYS A 30 6.41 -21.79 3.40
CA LYS A 30 6.52 -21.46 1.96
C LYS A 30 5.47 -20.42 1.62
N SER A 31 5.84 -19.41 0.85
CA SER A 31 4.89 -18.34 0.47
C SER A 31 4.65 -18.35 -1.03
N THR A 32 3.69 -17.55 -1.47
CA THR A 32 3.38 -17.39 -2.91
C THR A 32 3.85 -16.02 -3.36
N GLY A 33 4.75 -15.40 -2.59
CA GLY A 33 5.28 -14.06 -2.85
C GLY A 33 4.93 -13.09 -1.74
N GLY A 34 4.98 -11.79 -2.01
CA GLY A 34 4.61 -10.78 -1.01
C GLY A 34 5.72 -9.82 -0.68
N TRP A 35 5.37 -8.57 -0.44
CA TRP A 35 6.33 -7.51 -0.05
C TRP A 35 7.49 -7.45 -1.04
N GLU A 36 7.17 -7.43 -2.32
CA GLU A 36 8.17 -7.41 -3.41
C GLU A 36 8.89 -6.06 -3.45
N GLN A 37 8.21 -4.96 -3.19
CA GLN A 37 8.89 -3.64 -3.23
C GLN A 37 10.01 -3.62 -2.20
N LEU A 38 9.72 -4.05 -0.97
CA LEU A 38 10.75 -4.03 0.10
C LEU A 38 11.84 -5.04 -0.19
N ARG A 39 11.52 -6.15 -0.85
CA ARG A 39 12.56 -7.13 -1.19
C ARG A 39 13.46 -6.56 -2.29
N TRP A 40 12.91 -5.75 -3.18
CA TRP A 40 13.73 -5.12 -4.25
C TRP A 40 14.56 -4.01 -3.60
N ALA A 41 14.05 -3.38 -2.56
CA ALA A 41 14.79 -2.33 -1.84
C ALA A 41 16.06 -2.95 -1.24
N TYR A 42 15.93 -4.14 -0.66
CA TYR A 42 17.03 -4.85 0.02
C TYR A 42 18.00 -5.46 -1.00
N GLU A 43 17.54 -5.65 -2.23
CA GLU A 43 18.38 -6.20 -3.33
C GLU A 43 19.41 -5.15 -3.71
N ARG A 44 19.06 -3.88 -3.59
CA ARG A 44 19.95 -2.73 -3.87
C ARG A 44 20.94 -2.60 -2.73
N ALA A 45 20.50 -2.82 -1.50
CA ALA A 45 21.38 -2.75 -0.32
C ALA A 45 22.37 -3.91 -0.37
N ARG A 46 21.94 -5.07 -0.87
CA ARG A 46 22.75 -6.30 -1.00
C ARG A 46 23.87 -6.08 -2.00
N ALA A 47 23.63 -5.26 -3.03
CA ALA A 47 24.61 -4.93 -4.07
C ALA A 47 25.64 -3.96 -3.49
N SER A 48 25.18 -3.02 -2.68
CA SER A 48 26.13 -2.09 -2.02
C SER A 48 27.12 -2.93 -1.23
N ILE A 49 26.61 -3.82 -0.40
CA ILE A 49 27.42 -4.74 0.47
C ILE A 49 28.41 -5.55 -0.35
N GLU A 50 28.04 -6.00 -1.53
CA GLU A 50 28.91 -6.80 -2.41
C GLU A 50 30.08 -5.92 -2.87
N GLU A 51 29.87 -4.63 -3.10
CA GLU A 51 30.99 -3.76 -3.55
C GLU A 51 31.75 -3.21 -2.35
N LEU A 52 31.09 -3.06 -1.20
CA LEU A 52 31.74 -2.52 0.03
C LEU A 52 32.72 -3.55 0.60
N LYS A 53 32.40 -4.83 0.42
CA LYS A 53 33.24 -5.95 0.91
C LYS A 53 33.64 -5.75 2.36
N PRO A 54 32.68 -5.71 3.31
CA PRO A 54 32.99 -5.51 4.71
C PRO A 54 33.76 -6.66 5.36
N ASP A 55 34.39 -6.38 6.48
CA ASP A 55 35.14 -7.41 7.22
C ASP A 55 34.24 -7.90 8.36
N VAL A 56 33.34 -7.03 8.82
CA VAL A 56 32.45 -7.38 9.95
C VAL A 56 31.14 -6.61 9.80
N LEU A 57 30.02 -7.19 10.25
CA LEU A 57 28.71 -6.52 10.25
C LEU A 57 28.32 -6.35 11.71
N LEU A 58 27.95 -5.15 12.14
CA LEU A 58 27.56 -4.97 13.55
C LEU A 58 26.07 -4.62 13.59
N VAL A 59 25.29 -5.39 14.33
CA VAL A 59 23.81 -5.16 14.41
C VAL A 59 23.43 -4.74 15.82
N HIS A 60 22.40 -3.90 15.94
CA HIS A 60 21.81 -3.49 17.23
C HIS A 60 20.32 -3.83 17.09
N SER A 61 19.81 -4.80 17.85
CA SER A 61 18.40 -5.19 17.64
C SER A 61 17.53 -4.89 18.84
N PRO A 62 16.27 -4.47 18.63
CA PRO A 62 15.35 -4.20 19.72
C PRO A 62 14.68 -5.44 20.31
N HIS A 63 14.95 -6.61 19.74
CA HIS A 63 14.28 -7.86 20.14
C HIS A 63 15.18 -8.70 21.04
N TRP A 64 16.28 -8.11 21.48
CA TRP A 64 17.18 -8.67 22.50
C TRP A 64 17.27 -7.60 23.58
N ILE A 65 16.27 -7.54 24.44
CA ILE A 65 16.13 -6.51 25.50
C ILE A 65 16.89 -6.93 26.77
N THR A 66 17.80 -6.08 27.23
CA THR A 66 18.60 -6.36 28.44
C THR A 66 18.37 -5.25 29.48
N SER A 67 18.16 -5.63 30.74
CA SER A 67 17.91 -4.65 31.81
C SER A 67 19.20 -4.23 32.48
N VAL A 68 20.16 -5.14 32.57
CA VAL A 68 21.46 -4.81 33.21
C VAL A 68 22.49 -4.49 32.14
N GLY A 69 22.46 -3.27 31.62
CA GLY A 69 23.49 -2.83 30.68
C GLY A 69 23.35 -3.31 29.25
N HIS A 70 24.46 -3.30 28.51
CA HIS A 70 24.50 -3.69 27.08
C HIS A 70 25.30 -4.97 26.90
N HIS A 71 24.70 -6.02 26.34
CA HIS A 71 25.39 -7.31 26.17
C HIS A 71 25.91 -7.50 24.75
N PHE A 72 26.96 -8.29 24.60
CA PHE A 72 27.58 -8.59 23.28
C PHE A 72 27.76 -10.10 23.19
N ILE A 73 27.53 -10.67 22.01
CA ILE A 73 27.66 -12.14 21.88
C ILE A 73 29.15 -12.49 21.85
N GLY A 74 29.58 -13.41 22.71
CA GLY A 74 31.01 -13.75 22.81
C GLY A 74 31.35 -15.20 22.57
N VAL A 75 30.60 -15.89 21.73
CA VAL A 75 30.96 -17.29 21.37
C VAL A 75 31.29 -17.27 19.89
N ASP A 76 32.19 -18.14 19.44
CA ASP A 76 32.59 -18.09 18.01
C ASP A 76 31.43 -18.49 17.09
N HIS A 77 30.54 -19.39 17.52
CA HIS A 77 29.50 -19.84 16.57
C HIS A 77 28.26 -20.33 17.32
N LEU A 78 27.08 -20.06 16.76
CA LEU A 78 25.79 -20.51 17.37
C LEU A 78 24.93 -21.10 16.24
N GLN A 79 24.18 -22.16 16.53
CA GLN A 79 23.29 -22.82 15.54
C GLN A 79 21.98 -23.15 16.24
N GLY A 80 20.87 -22.97 15.56
CA GLY A 80 19.58 -23.34 16.15
C GLY A 80 18.44 -22.96 15.24
N ARG A 81 17.22 -23.09 15.72
CA ARG A 81 16.06 -22.66 14.91
C ARG A 81 15.40 -21.47 15.60
N SER A 82 15.35 -20.34 14.91
CA SER A 82 14.71 -19.12 15.44
C SER A 82 13.29 -19.04 14.93
N VAL A 83 12.32 -19.19 15.81
CA VAL A 83 10.88 -19.14 15.44
C VAL A 83 10.32 -17.83 15.99
N ASP A 84 9.81 -16.96 15.12
CA ASP A 84 9.22 -15.68 15.56
C ASP A 84 8.04 -16.01 16.44
N PRO A 85 7.87 -15.42 17.64
CA PRO A 85 6.77 -15.78 18.49
C PRO A 85 5.44 -15.15 18.10
N ILE A 86 5.47 -14.17 17.20
CA ILE A 86 4.24 -13.44 16.81
C ILE A 86 3.82 -13.92 15.44
N PHE A 87 4.80 -14.25 14.62
CA PHE A 87 4.58 -14.73 13.24
C PHE A 87 5.31 -16.05 13.06
N PRO A 88 4.90 -17.14 13.75
CA PRO A 88 5.55 -18.44 13.62
C PRO A 88 5.15 -19.17 12.34
N ASN A 89 4.10 -18.69 11.69
CA ASN A 89 3.57 -19.20 10.41
C ASN A 89 4.44 -18.70 9.26
N LEU A 90 5.19 -17.62 9.49
CA LEU A 90 6.04 -16.97 8.46
C LEU A 90 7.53 -17.15 8.75
N PHE A 91 7.92 -17.24 10.01
CA PHE A 91 9.37 -17.32 10.32
C PHE A 91 9.71 -18.48 11.26
N ARG A 92 10.39 -19.47 10.71
CA ARG A 92 10.94 -20.65 11.44
C ARG A 92 12.29 -20.88 10.78
N PHE A 93 13.25 -20.04 11.12
CA PHE A 93 14.59 -20.00 10.46
C PHE A 93 15.65 -20.81 11.19
N ASP A 94 16.44 -21.57 10.43
CA ASP A 94 17.57 -22.35 10.98
C ASP A 94 18.82 -21.52 10.70
N TYR A 95 19.47 -21.04 11.75
CA TYR A 95 20.64 -20.14 11.59
C TYR A 95 21.93 -20.83 11.99
N SER A 96 23.02 -20.38 11.37
CA SER A 96 24.40 -20.86 11.61
C SER A 96 25.27 -19.61 11.51
N ILE A 97 25.47 -18.93 12.62
CA ILE A 97 26.18 -17.62 12.58
C ILE A 97 27.57 -17.71 13.20
N ASN A 98 28.54 -17.05 12.56
CA ASN A 98 29.93 -16.94 13.04
C ASN A 98 30.10 -15.51 13.55
N PHE A 99 30.46 -15.34 14.82
CA PHE A 99 30.59 -13.98 15.40
C PHE A 99 32.05 -13.55 15.50
N ASP A 100 32.27 -12.23 15.51
CA ASP A 100 33.62 -11.63 15.67
C ASP A 100 33.78 -11.31 17.15
N VAL A 101 34.29 -12.28 17.91
CA VAL A 101 34.42 -12.16 19.38
C VAL A 101 35.47 -11.11 19.71
N GLU A 102 36.56 -11.10 18.97
CA GLU A 102 37.65 -10.13 19.24
C GLU A 102 37.07 -8.72 19.22
N LEU A 103 36.29 -8.37 18.20
CA LEU A 103 35.72 -7.01 18.05
C LEU A 103 34.55 -6.81 19.02
N SER A 104 33.80 -7.86 19.32
CA SER A 104 32.68 -7.70 20.29
C SER A 104 33.30 -7.42 21.65
N GLU A 105 34.39 -8.10 21.98
CA GLU A 105 35.12 -7.90 23.24
C GLU A 105 35.61 -6.46 23.29
N ALA A 106 36.15 -5.98 22.18
CA ALA A 106 36.67 -4.60 22.06
C ALA A 106 35.57 -3.58 22.35
N CYS A 107 34.38 -3.78 21.77
CA CYS A 107 33.24 -2.85 21.97
C CYS A 107 32.79 -2.90 23.44
N CYS A 108 32.88 -4.06 24.07
CA CYS A 108 32.49 -4.20 25.50
C CYS A 108 33.51 -3.45 26.37
N GLU A 109 34.79 -3.56 26.04
CA GLU A 109 35.82 -2.89 26.86
C GLU A 109 35.72 -1.37 26.67
N GLU A 110 35.34 -0.94 25.47
CA GLU A 110 35.22 0.52 25.20
C GLU A 110 33.95 1.08 25.81
N GLY A 111 32.97 0.24 26.12
CA GLY A 111 31.73 0.73 26.74
C GLY A 111 31.87 0.81 28.24
N ARG A 112 32.77 0.02 28.82
CA ARG A 112 32.97 0.07 30.29
C ARG A 112 33.82 1.29 30.62
N LYS A 113 34.82 1.58 29.79
CA LYS A 113 35.70 2.76 29.96
C LYS A 113 34.88 4.05 29.93
N ALA A 114 33.87 4.12 29.06
CA ALA A 114 32.99 5.30 28.89
C ALA A 114 31.94 5.38 30.00
N GLY A 115 31.78 4.31 30.80
CA GLY A 115 30.87 4.38 31.95
C GLY A 115 29.59 3.59 31.80
N LEU A 116 29.48 2.76 30.77
CA LEU A 116 28.24 1.98 30.62
C LEU A 116 28.41 0.63 31.28
N VAL A 117 27.31 -0.03 31.62
CA VAL A 117 27.36 -1.40 32.17
C VAL A 117 27.39 -2.34 30.96
N THR A 118 28.39 -3.21 30.85
CA THR A 118 28.41 -4.08 29.65
C THR A 118 28.69 -5.51 30.06
N LYS A 119 28.15 -6.47 29.31
CA LYS A 119 28.38 -7.90 29.60
C LYS A 119 28.67 -8.63 28.30
N MET A 120 29.35 -9.76 28.38
CA MET A 120 29.62 -10.58 27.19
C MET A 120 28.76 -11.83 27.34
N MET A 121 28.07 -12.21 26.28
CA MET A 121 27.24 -13.43 26.29
C MET A 121 28.19 -14.57 25.96
N ARG A 122 28.47 -15.46 26.91
CA ARG A 122 29.45 -16.56 26.67
C ARG A 122 28.75 -17.91 26.70
N ASN A 123 27.43 -17.92 26.92
CA ASN A 123 26.64 -19.17 26.94
C ASN A 123 26.62 -19.71 25.51
N PRO A 124 26.89 -21.00 25.25
CA PRO A 124 26.90 -21.50 23.89
C PRO A 124 25.57 -22.07 23.42
N ARG A 125 24.54 -22.02 24.26
CA ARG A 125 23.20 -22.53 23.91
C ARG A 125 22.25 -21.35 23.75
N PHE A 126 22.78 -20.13 23.80
CA PHE A 126 21.97 -18.90 23.66
C PHE A 126 21.39 -18.87 22.24
N ARG A 127 20.16 -18.39 22.13
CA ARG A 127 19.51 -18.28 20.82
C ARG A 127 19.50 -16.80 20.44
N PRO A 128 20.18 -16.38 19.36
CA PRO A 128 20.15 -15.00 18.92
C PRO A 128 18.73 -14.60 18.53
N ASP A 129 18.38 -13.34 18.71
CA ASP A 129 16.99 -12.89 18.44
C ASP A 129 16.61 -12.97 16.96
N TYR A 130 15.30 -13.07 16.73
CA TYR A 130 14.69 -13.21 15.39
C TYR A 130 14.93 -11.96 14.55
N GLY A 131 14.97 -10.80 15.19
CA GLY A 131 15.19 -9.53 14.49
C GLY A 131 16.62 -9.43 14.00
N THR A 132 17.58 -9.86 14.80
CA THR A 132 18.99 -9.78 14.38
C THR A 132 19.22 -10.70 13.19
N ILE A 133 18.60 -11.87 13.20
CA ILE A 133 18.77 -12.87 12.12
C ILE A 133 18.09 -12.37 10.85
N THR A 134 16.95 -11.70 10.96
CA THR A 134 16.24 -11.20 9.76
C THR A 134 17.03 -10.06 9.15
N THR A 135 17.50 -9.12 9.96
CA THR A 135 18.28 -7.99 9.41
C THR A 135 19.54 -8.52 8.71
N LEU A 136 20.21 -9.50 9.29
CA LEU A 136 21.46 -10.06 8.74
C LEU A 136 21.19 -10.81 7.44
N HIS A 137 20.11 -11.57 7.37
CA HIS A 137 19.80 -12.36 6.15
C HIS A 137 19.35 -11.47 5.02
N MET A 138 18.71 -10.35 5.34
CA MET A 138 18.23 -9.45 4.27
C MET A 138 19.39 -8.62 3.75
N ILE A 139 20.40 -8.42 4.57
CA ILE A 139 21.58 -7.60 4.17
C ILE A 139 22.60 -8.51 3.50
N ARG A 140 22.82 -9.69 4.07
CA ARG A 140 23.81 -10.62 3.50
C ARG A 140 23.32 -12.05 3.66
N PRO A 141 22.56 -12.60 2.70
CA PRO A 141 22.05 -13.97 2.79
C PRO A 141 23.04 -15.10 2.53
N GLN A 142 24.30 -14.78 2.29
CA GLN A 142 25.33 -15.82 2.08
C GLN A 142 25.86 -16.25 3.43
N TRP A 143 25.65 -15.43 4.45
CA TRP A 143 26.11 -15.73 5.84
C TRP A 143 27.61 -16.04 5.84
N ASP A 144 28.40 -15.21 5.16
CA ASP A 144 29.86 -15.44 5.02
C ASP A 144 30.62 -14.24 5.58
N ILE A 145 29.96 -13.40 6.36
CA ILE A 145 30.67 -12.24 6.97
C ILE A 145 30.49 -12.33 8.49
N PRO A 146 31.54 -12.20 9.29
CA PRO A 146 31.44 -12.25 10.74
C PRO A 146 30.52 -11.16 11.30
N VAL A 147 29.86 -11.46 12.41
CA VAL A 147 28.82 -10.56 12.99
C VAL A 147 29.21 -10.12 14.39
N VAL A 148 28.85 -8.89 14.77
CA VAL A 148 28.94 -8.43 16.17
C VAL A 148 27.47 -8.23 16.55
N SER A 149 26.98 -8.88 17.58
CA SER A 149 25.54 -8.72 17.91
C SER A 149 25.40 -7.96 19.23
N ILE A 150 24.84 -6.75 19.21
CA ILE A 150 24.68 -5.92 20.43
C ILE A 150 23.22 -5.94 20.88
N SER A 151 22.99 -6.08 22.17
CA SER A 151 21.62 -6.11 22.75
C SER A 151 21.11 -4.68 22.89
N ALA A 152 19.81 -4.53 23.08
CA ALA A 152 19.20 -3.19 23.23
C ALA A 152 18.90 -2.97 24.70
N ASN A 153 19.72 -2.17 25.38
CA ASN A 153 19.50 -1.88 26.82
C ASN A 153 18.14 -1.19 26.95
N ASN A 154 17.37 -1.56 27.95
CA ASN A 154 15.98 -1.04 28.09
C ASN A 154 15.90 0.27 28.85
N THR A 155 16.94 1.11 28.90
CA THR A 155 16.76 2.34 29.71
C THR A 155 15.72 3.25 29.06
N PRO A 156 15.66 3.39 27.72
CA PRO A 156 14.64 4.22 27.06
C PRO A 156 13.17 3.94 27.45
N TYR A 157 12.83 2.70 27.81
CA TYR A 157 11.47 2.32 28.25
C TYR A 157 11.43 2.21 29.77
N TYR A 158 12.58 2.18 30.44
CA TYR A 158 12.61 2.02 31.92
C TYR A 158 12.72 3.37 32.63
N LEU A 159 13.62 4.23 32.17
CA LEU A 159 13.83 5.56 32.78
C LEU A 159 13.18 6.62 31.88
N SER A 160 13.97 7.57 31.39
CA SER A 160 13.46 8.63 30.49
C SER A 160 13.91 8.33 29.07
N MET A 161 13.19 8.82 28.08
CA MET A 161 13.54 8.54 26.66
C MET A 161 14.75 9.34 26.22
N GLU A 162 15.07 10.43 26.91
CA GLU A 162 16.27 11.22 26.52
C GLU A 162 17.48 10.59 27.19
N GLU A 163 17.30 10.05 28.38
CA GLU A 163 18.42 9.41 29.11
C GLU A 163 18.84 8.15 28.37
N GLY A 164 17.87 7.31 28.03
CA GLY A 164 18.14 6.04 27.31
C GLY A 164 18.79 6.29 25.98
N LEU A 165 18.36 7.32 25.27
CA LEU A 165 18.97 7.64 23.95
C LEU A 165 20.40 8.18 24.17
N GLY A 166 20.66 8.84 25.30
CA GLY A 166 22.01 9.31 25.62
C GLY A 166 22.94 8.14 25.82
N GLU A 167 22.46 7.05 26.41
CA GLU A 167 23.29 5.84 26.62
C GLU A 167 23.64 5.22 25.27
N MET A 168 22.71 5.29 24.31
CA MET A 168 22.92 4.75 22.95
C MET A 168 23.97 5.59 22.22
N ASP A 169 24.03 6.88 22.53
CA ASP A 169 25.06 7.78 21.97
C ASP A 169 26.41 7.37 22.52
N VAL A 170 26.49 7.08 23.82
CA VAL A 170 27.80 6.67 24.37
C VAL A 170 28.18 5.35 23.71
N LEU A 171 27.25 4.39 23.67
CA LEU A 171 27.50 3.06 23.05
C LEU A 171 28.04 3.22 21.64
N GLY A 172 27.42 4.08 20.83
CA GLY A 172 27.92 4.33 19.47
C GLY A 172 29.30 4.90 19.49
N LYS A 173 29.58 5.84 20.39
CA LYS A 173 30.93 6.46 20.45
C LYS A 173 31.98 5.40 20.78
N ALA A 174 31.65 4.46 21.67
CA ALA A 174 32.55 3.37 22.06
C ALA A 174 32.72 2.38 20.91
N THR A 175 31.67 2.19 20.11
CA THR A 175 31.75 1.24 18.98
C THR A 175 32.79 1.76 17.98
N ARG A 176 32.73 3.06 17.69
CA ARG A 176 33.66 3.72 16.75
C ARG A 176 35.09 3.54 17.27
N GLU A 177 35.28 3.75 18.56
CA GLU A 177 36.61 3.62 19.20
C GLU A 177 37.14 2.21 18.98
N ALA A 178 36.30 1.21 19.19
CA ALA A 178 36.73 -0.20 19.02
C ALA A 178 36.94 -0.50 17.54
N ILE A 179 36.13 0.07 16.67
CA ILE A 179 36.28 -0.21 15.22
C ILE A 179 37.63 0.33 14.74
N LEU A 180 37.89 1.60 14.99
CA LEU A 180 39.14 2.24 14.53
C LEU A 180 40.36 1.45 14.99
N LYS A 181 40.36 0.95 16.22
CA LYS A 181 41.51 0.20 16.71
C LYS A 181 41.58 -1.19 16.07
N SER A 182 40.44 -1.72 15.62
CA SER A 182 40.35 -3.10 15.14
C SER A 182 41.11 -3.32 13.82
N GLY A 183 41.34 -2.27 13.04
CA GLY A 183 41.93 -2.44 11.74
C GLY A 183 41.00 -3.00 10.68
N LYS A 184 39.72 -3.17 10.99
CA LYS A 184 38.75 -3.82 10.11
C LYS A 184 37.85 -2.80 9.43
N ARG A 185 37.18 -3.24 8.38
CA ARG A 185 36.23 -2.39 7.62
C ARG A 185 34.82 -2.80 8.03
N ALA A 186 34.15 -1.97 8.81
CA ALA A 186 32.85 -2.36 9.38
C ALA A 186 31.66 -1.69 8.70
N VAL A 187 30.52 -2.35 8.79
CA VAL A 187 29.23 -1.85 8.27
C VAL A 187 28.28 -1.89 9.45
N LEU A 188 27.66 -0.78 9.82
CA LEU A 188 26.73 -0.78 10.96
C LEU A 188 25.33 -1.03 10.43
N LEU A 189 24.50 -1.76 11.16
CA LEU A 189 23.13 -2.02 10.70
C LEU A 189 22.17 -1.70 11.83
N ALA A 190 21.34 -0.67 11.68
CA ALA A 190 20.35 -0.37 12.73
C ALA A 190 19.09 -1.16 12.37
N SER A 191 18.81 -2.26 13.08
CA SER A 191 17.60 -3.07 12.78
C SER A 191 16.41 -2.39 13.44
N ASN A 192 15.88 -1.35 12.80
CA ASN A 192 14.76 -0.59 13.37
C ASN A 192 13.74 -0.27 12.29
N THR A 193 12.48 -0.28 12.70
CA THR A 193 11.32 0.08 11.87
C THR A 193 10.99 1.54 12.16
N LEU A 194 10.29 2.23 11.26
CA LEU A 194 9.90 3.63 11.53
C LEU A 194 8.54 3.60 12.22
N SER A 195 7.50 4.09 11.58
CA SER A 195 6.14 4.03 12.17
C SER A 195 5.83 2.59 12.57
N HIS A 196 5.42 2.35 13.82
CA HIS A 196 5.13 0.96 14.23
C HIS A 196 3.68 0.80 14.64
N TRP A 197 2.80 1.70 14.21
CA TRP A 197 1.36 1.47 14.45
C TRP A 197 1.04 0.30 13.52
N HIS A 198 0.34 -0.72 13.99
CA HIS A 198 0.17 -1.89 13.10
C HIS A 198 -1.26 -2.40 13.08
N PHE A 199 -1.52 -3.40 12.23
CA PHE A 199 -2.85 -4.02 12.08
C PHE A 199 -3.10 -4.88 13.31
N HIS A 200 -4.33 -4.94 13.81
CA HIS A 200 -4.59 -5.79 15.00
C HIS A 200 -4.99 -7.20 14.56
N GLU A 201 -5.25 -7.37 13.27
CA GLU A 201 -5.64 -8.68 12.72
C GLU A 201 -4.78 -8.94 11.49
N GLU A 202 -4.48 -10.20 11.20
CA GLU A 202 -3.61 -10.56 10.05
C GLU A 202 -4.46 -11.02 8.87
N PRO A 203 -4.14 -10.61 7.63
CA PRO A 203 -4.90 -11.00 6.45
C PRO A 203 -4.88 -12.52 6.28
N VAL A 204 -6.01 -13.11 5.87
CA VAL A 204 -6.15 -14.60 5.82
C VAL A 204 -5.00 -15.25 5.07
N PRO A 205 -4.72 -14.92 3.79
CA PRO A 205 -3.50 -15.39 3.18
C PRO A 205 -2.64 -14.21 3.62
N PRO A 206 -1.62 -14.37 4.48
CA PRO A 206 -0.84 -13.24 4.95
C PRO A 206 -0.21 -12.38 3.85
N GLU A 207 0.22 -13.01 2.75
CA GLU A 207 0.88 -12.32 1.63
C GLU A 207 -0.12 -11.75 0.63
N ASP A 208 -1.40 -11.65 0.99
CA ASP A 208 -2.36 -10.95 0.09
C ASP A 208 -1.98 -9.49 0.19
N MET A 209 -1.33 -8.94 -0.84
CA MET A 209 -0.78 -7.56 -0.78
C MET A 209 -1.84 -6.47 -1.02
N SER A 210 -3.09 -6.84 -1.25
CA SER A 210 -4.19 -5.85 -1.41
C SER A 210 -4.71 -5.51 -0.02
N LYS A 211 -4.35 -6.29 0.99
CA LYS A 211 -4.76 -5.99 2.39
C LYS A 211 -3.61 -5.29 3.09
N GLU A 212 -2.59 -4.88 2.36
CA GLU A 212 -1.38 -4.23 2.91
C GLU A 212 -1.40 -2.73 2.63
N HIS A 213 -1.39 -1.92 3.68
CA HIS A 213 -1.40 -0.45 3.56
C HIS A 213 -0.90 0.16 4.87
N PRO A 214 -0.56 1.47 4.93
CA PRO A 214 -0.19 2.11 6.17
C PRO A 214 -1.33 2.02 7.18
N GLN A 215 -1.03 1.80 8.45
CA GLN A 215 -2.12 1.67 9.44
C GLN A 215 -2.74 3.03 9.72
N THR A 216 -1.91 4.06 9.82
CA THR A 216 -2.43 5.41 10.13
C THR A 216 -1.95 6.40 9.09
N LYS A 217 -2.67 7.50 8.94
CA LYS A 217 -2.28 8.56 8.00
C LYS A 217 -1.14 9.35 8.62
N ILE A 218 -1.19 9.57 9.93
CA ILE A 218 -0.16 10.34 10.67
C ILE A 218 1.18 9.60 10.62
N GLY A 219 1.17 8.28 10.73
CA GLY A 219 2.41 7.51 10.71
C GLY A 219 3.10 7.56 9.37
N TYR A 220 2.35 7.37 8.29
CA TYR A 220 2.95 7.41 6.94
C TYR A 220 3.58 8.80 6.73
N GLU A 221 2.83 9.83 7.07
CA GLU A 221 3.28 11.23 6.92
C GLU A 221 4.55 11.44 7.74
N TRP A 222 4.61 10.93 8.95
CA TRP A 222 5.82 11.12 9.78
C TRP A 222 6.98 10.39 9.12
N ASP A 223 6.72 9.19 8.61
CA ASP A 223 7.77 8.38 7.93
C ASP A 223 8.26 9.12 6.69
N MET A 224 7.36 9.77 5.95
CA MET A 224 7.77 10.45 4.71
C MET A 224 8.54 11.73 5.03
N ARG A 225 8.21 12.37 6.14
CA ARG A 225 8.92 13.61 6.53
C ARG A 225 10.35 13.26 6.90
N MET A 226 10.53 12.23 7.69
CA MET A 226 11.89 11.86 8.16
C MET A 226 12.73 11.31 7.02
N ILE A 227 12.15 10.51 6.14
CA ILE A 227 12.97 9.95 5.02
C ILE A 227 13.44 11.09 4.13
N GLU A 228 12.57 12.03 3.80
CA GLU A 228 12.98 13.15 2.91
C GLU A 228 14.14 13.91 3.56
N LEU A 229 14.06 14.19 4.86
CA LEU A 229 15.14 14.89 5.59
C LEU A 229 16.45 14.10 5.49
N MET A 230 16.40 12.78 5.58
CA MET A 230 17.61 11.93 5.48
C MET A 230 18.18 11.95 4.06
N ARG A 231 17.31 12.14 3.06
CA ARG A 231 17.72 12.14 1.64
C ARG A 231 18.36 13.48 1.29
N GLN A 232 18.10 14.51 2.09
CA GLN A 232 18.65 15.87 1.87
C GLN A 232 19.88 16.05 2.76
N GLY A 233 20.10 15.15 3.69
CA GLY A 233 21.29 15.24 4.55
C GLY A 233 21.06 16.13 5.74
N ARG A 234 19.82 16.52 6.00
CA ARG A 234 19.49 17.40 7.13
C ARG A 234 19.28 16.55 8.38
N MET A 235 20.30 15.80 8.76
CA MET A 235 20.26 14.85 9.90
C MET A 235 20.07 15.56 11.24
N GLU A 236 20.61 16.77 11.36
CA GLU A 236 20.47 17.54 12.62
C GLU A 236 18.99 17.73 12.93
N GLU A 237 18.21 18.11 11.93
CA GLU A 237 16.75 18.33 12.10
C GLU A 237 16.08 16.99 12.41
N VAL A 238 16.57 15.93 11.79
CA VAL A 238 16.01 14.57 12.02
C VAL A 238 16.13 14.26 13.51
N PHE A 239 17.31 14.47 14.08
CA PHE A 239 17.57 14.17 15.52
C PHE A 239 16.94 15.20 16.45
N GLN A 240 16.55 16.35 15.93
CA GLN A 240 15.85 17.38 16.73
C GLN A 240 14.41 16.90 16.89
N LEU A 241 13.87 16.22 15.89
CA LEU A 241 12.45 15.78 15.90
C LEU A 241 12.27 14.35 16.38
N LEU A 242 13.34 13.59 16.63
CA LEU A 242 13.19 12.15 17.00
C LEU A 242 12.20 11.93 18.14
N PRO A 243 12.23 12.69 19.25
CA PRO A 243 11.29 12.45 20.34
C PRO A 243 9.81 12.59 19.93
N GLN A 244 9.51 13.52 19.02
CA GLN A 244 8.12 13.74 18.56
C GLN A 244 7.73 12.65 17.58
N PHE A 245 8.67 12.26 16.73
CA PHE A 245 8.47 11.18 15.74
C PHE A 245 8.18 9.89 16.50
N ILE A 246 8.95 9.64 17.55
CA ILE A 246 8.81 8.41 18.37
C ILE A 246 7.47 8.44 19.10
N GLU A 247 7.00 9.61 19.51
CA GLU A 247 5.75 9.63 20.31
C GLU A 247 4.53 9.63 19.40
N GLU A 248 4.58 10.40 18.32
CA GLU A 248 3.41 10.53 17.43
C GLU A 248 3.29 9.34 16.48
N ALA A 249 4.40 8.75 16.09
CA ALA A 249 4.32 7.63 15.13
C ALA A 249 4.68 6.29 15.78
N PHE A 250 4.86 6.28 17.10
CA PHE A 250 5.24 5.04 17.84
C PHE A 250 6.43 4.40 17.16
N ALA A 251 7.48 5.17 16.90
CA ALA A 251 8.64 4.73 16.12
C ALA A 251 9.48 3.70 16.86
N GLU A 252 10.04 2.75 16.12
CA GLU A 252 10.88 1.67 16.68
C GLU A 252 12.34 2.10 16.73
N VAL A 253 12.66 3.38 16.54
CA VAL A 253 14.03 3.96 16.65
C VAL A 253 14.27 4.37 18.11
N LYS A 254 13.28 4.16 18.98
CA LYS A 254 13.31 4.38 20.44
C LYS A 254 14.10 3.24 21.11
N SER A 255 14.32 2.13 20.41
CA SER A 255 15.16 1.01 20.92
C SER A 255 16.58 1.54 21.05
N GLY A 256 17.04 2.34 20.08
CA GLY A 256 18.35 2.99 20.15
C GLY A 256 19.27 2.66 19.01
N ALA A 257 18.89 1.76 18.13
CA ALA A 257 19.82 1.38 17.06
C ALA A 257 20.17 2.56 16.16
N PHE A 258 19.20 3.42 15.86
CA PHE A 258 19.45 4.56 14.95
C PHE A 258 20.48 5.51 15.55
N THR A 259 20.28 5.86 16.82
CA THR A 259 21.13 6.83 17.58
C THR A 259 22.52 6.24 17.77
N TRP A 260 22.60 4.93 17.99
CA TRP A 260 23.89 4.22 18.17
C TRP A 260 24.65 4.29 16.84
N MET A 261 23.97 4.02 15.75
CA MET A 261 24.58 4.00 14.40
C MET A 261 25.06 5.39 14.00
N HIS A 262 24.32 6.43 14.34
CA HIS A 262 24.72 7.81 13.95
C HIS A 262 25.82 8.32 14.86
N ALA A 263 25.80 7.93 16.13
CA ALA A 263 26.85 8.35 17.07
C ALA A 263 28.19 7.72 16.66
N ALA A 264 28.16 6.49 16.14
CA ALA A 264 29.39 5.79 15.73
C ALA A 264 29.92 6.35 14.42
N MET A 265 29.06 7.01 13.64
CA MET A 265 29.47 7.60 12.34
C MET A 265 29.83 9.08 12.54
N GLN A 266 29.77 9.53 13.79
CA GLN A 266 30.06 10.92 14.26
C GLN A 266 29.00 11.87 13.72
N TYR A 267 27.75 11.42 13.71
CA TYR A 267 26.59 12.25 13.28
C TYR A 267 26.87 12.99 11.97
N PRO A 268 27.00 12.27 10.83
CA PRO A 268 27.28 12.92 9.56
C PRO A 268 26.04 13.62 8.99
N ASN A 269 26.25 14.67 8.21
CA ASN A 269 25.15 15.47 7.62
C ASN A 269 25.18 15.31 6.11
N LEU A 270 25.49 14.11 5.62
CA LEU A 270 25.55 13.88 4.16
C LEU A 270 24.26 13.20 3.70
N PRO A 271 23.85 13.37 2.43
CA PRO A 271 22.62 12.78 1.92
C PRO A 271 22.60 11.25 1.91
N ALA A 272 21.53 10.68 2.45
CA ALA A 272 21.36 9.22 2.52
C ALA A 272 20.69 8.73 1.26
N GLU A 273 21.02 7.52 0.83
CA GLU A 273 20.35 6.98 -0.36
C GLU A 273 19.21 6.10 0.13
N LEU A 274 17.98 6.41 -0.25
CA LEU A 274 16.82 5.58 0.11
C LEU A 274 16.81 4.41 -0.86
N HIS A 275 16.80 3.19 -0.35
CA HIS A 275 16.78 2.02 -1.23
C HIS A 275 15.32 1.65 -1.50
N GLY A 276 14.42 2.06 -0.62
CA GLY A 276 13.00 1.76 -0.84
C GLY A 276 12.22 1.80 0.46
N TYR A 277 10.91 1.90 0.36
CA TYR A 277 10.05 1.96 1.56
C TYR A 277 8.78 1.15 1.30
N GLY A 278 8.31 0.44 2.31
CA GLY A 278 7.05 -0.31 2.19
C GLY A 278 6.40 -0.48 3.54
N THR A 279 5.16 -0.93 3.56
CA THR A 279 4.50 -1.18 4.86
C THR A 279 4.49 -2.68 5.10
N VAL A 280 4.54 -3.09 6.36
CA VAL A 280 4.47 -4.52 6.75
C VAL A 280 3.52 -4.56 7.94
N ILE A 281 2.25 -4.88 7.66
CA ILE A 281 1.10 -4.92 8.61
C ILE A 281 0.88 -3.51 9.18
N GLY A 282 1.08 -2.48 8.34
CA GLY A 282 0.79 -1.09 8.69
C GLY A 282 1.99 -0.36 9.21
N THR A 283 3.06 -1.07 9.55
CA THR A 283 4.27 -0.40 10.10
C THR A 283 5.11 0.12 8.95
N GLY A 284 5.79 1.24 9.13
CA GLY A 284 6.62 1.83 8.06
C GLY A 284 8.04 1.34 8.11
N ASN A 285 8.52 0.72 7.04
CA ASN A 285 9.89 0.16 7.03
C ASN A 285 10.68 0.74 5.86
N ALA A 286 11.78 1.42 6.14
CA ALA A 286 12.57 2.03 5.06
C ALA A 286 14.00 1.51 5.10
N VAL A 287 14.57 1.18 3.94
CA VAL A 287 15.98 0.73 3.87
C VAL A 287 16.81 1.95 3.48
N VAL A 288 17.49 2.57 4.43
CA VAL A 288 18.28 3.80 4.15
C VAL A 288 19.76 3.51 4.37
N GLU A 289 20.62 4.05 3.51
CA GLU A 289 22.07 3.79 3.62
C GLU A 289 22.89 5.07 3.58
N TRP A 290 23.90 5.14 4.44
CA TRP A 290 24.89 6.25 4.49
C TRP A 290 26.22 5.65 4.04
N ASN A 291 26.42 5.55 2.74
CA ASN A 291 27.64 4.95 2.16
C ASN A 291 28.78 5.95 2.28
N LEU A 292 29.68 5.74 3.25
CA LEU A 292 30.79 6.69 3.49
C LEU A 292 31.94 6.45 2.52
N VAL A 293 31.94 5.32 1.82
CA VAL A 293 33.01 5.08 0.82
C VAL A 293 32.71 5.95 -0.40
N LYS A 294 31.42 6.16 -0.67
CA LYS A 294 30.94 6.99 -1.81
C LYS A 294 31.06 8.46 -1.41
N ALA A 295 31.09 8.74 -0.12
CA ALA A 295 31.21 10.13 0.37
C ALA A 295 32.69 10.52 0.36
N GLY A 296 33.58 9.53 0.31
CA GLY A 296 35.02 9.77 0.29
C GLY A 296 35.60 9.75 1.68
N LEU A 297 34.80 9.38 2.67
CA LEU A 297 35.27 9.34 4.07
C LEU A 297 35.84 7.96 4.43
N ALA A 298 35.76 7.02 3.50
CA ALA A 298 36.28 5.65 3.78
C ALA A 298 36.98 5.12 2.53
N ARG A 299 37.91 4.20 2.69
CA ARG A 299 38.69 3.71 1.54
C ARG A 299 37.92 2.64 0.77
N VAL A 300 38.14 2.58 -0.55
CA VAL A 300 37.57 1.58 -1.43
C VAL A 300 38.21 0.22 -1.15
N ALA A 301 37.47 -0.86 -1.43
CA ALA A 301 38.04 -2.19 -1.37
C ALA A 301 39.13 -2.36 -2.44
N THR B 1 -14.74 -26.76 40.73
CA THR B 1 -14.01 -27.22 39.51
C THR B 1 -12.59 -26.66 39.51
N ILE B 2 -12.43 -25.40 39.92
CA ILE B 2 -11.07 -24.84 40.13
C ILE B 2 -10.70 -25.40 41.50
N VAL B 3 -9.65 -26.22 41.59
CA VAL B 3 -9.35 -26.88 42.90
C VAL B 3 -8.15 -26.24 43.60
N SER B 4 -7.30 -25.51 42.89
CA SER B 4 -6.16 -24.83 43.55
C SER B 4 -5.81 -23.55 42.79
N ALA B 5 -5.13 -22.61 43.44
CA ALA B 5 -4.75 -21.34 42.78
C ALA B 5 -3.44 -20.86 43.39
N PHE B 6 -2.42 -20.60 42.57
CA PHE B 6 -1.11 -20.17 43.12
C PHE B 6 -0.54 -19.00 42.32
N LEU B 7 0.30 -18.20 42.96
CA LEU B 7 1.01 -17.09 42.29
C LEU B 7 2.49 -17.35 42.52
N VAL B 8 3.27 -17.47 41.45
CA VAL B 8 4.71 -17.77 41.64
C VAL B 8 5.51 -16.78 40.80
N PRO B 9 6.75 -16.46 41.17
CA PRO B 9 7.54 -15.52 40.39
C PRO B 9 8.10 -16.15 39.12
N GLY B 10 8.45 -15.33 38.14
CA GLY B 10 8.95 -15.87 36.86
C GLY B 10 10.44 -15.72 36.71
N SER B 11 11.12 -15.22 37.74
CA SER B 11 12.59 -15.05 37.62
C SER B 11 13.26 -16.42 37.58
N PRO B 12 14.36 -16.58 36.84
CA PRO B 12 15.08 -17.83 36.80
C PRO B 12 16.24 -17.84 37.81
N LEU B 13 16.43 -16.75 38.53
CA LEU B 13 17.56 -16.60 39.49
C LEU B 13 17.45 -17.64 40.60
N PRO B 14 16.26 -17.94 41.15
CA PRO B 14 16.12 -18.96 42.17
C PRO B 14 16.39 -20.40 41.73
N HIS B 15 16.37 -20.67 40.43
CA HIS B 15 16.56 -22.03 39.88
C HIS B 15 17.93 -22.14 39.21
N LEU B 16 18.54 -21.02 38.87
CA LEU B 16 19.85 -21.06 38.22
C LEU B 16 20.91 -20.79 39.29
N ARG B 17 20.55 -20.05 40.33
CA ARG B 17 21.56 -19.70 41.37
C ARG B 17 21.02 -20.01 42.77
N PRO B 18 20.87 -21.28 43.16
CA PRO B 18 20.37 -21.64 44.49
C PRO B 18 21.43 -21.65 45.58
N ASP B 19 22.66 -21.26 45.26
CA ASP B 19 23.73 -21.16 46.28
C ASP B 19 23.49 -19.88 47.09
N VAL B 20 22.85 -18.90 46.46
CA VAL B 20 22.45 -17.64 47.12
C VAL B 20 21.18 -17.98 47.89
N LYS B 21 21.27 -18.07 49.22
CA LYS B 21 20.15 -18.48 50.11
C LYS B 21 18.94 -17.56 49.97
N SER B 22 19.16 -16.27 49.74
CA SER B 22 18.07 -15.28 49.54
C SER B 22 17.15 -15.74 48.40
N TRP B 23 17.74 -16.17 47.28
CA TRP B 23 17.04 -16.63 46.06
C TRP B 23 16.63 -18.08 46.20
N GLU B 24 17.27 -18.82 47.11
CA GLU B 24 16.94 -20.26 47.27
C GLU B 24 15.60 -20.43 48.00
N SER B 25 15.14 -19.42 48.74
CA SER B 25 13.86 -19.51 49.47
C SER B 25 12.69 -19.63 48.50
N PHE B 26 12.77 -19.01 47.34
CA PHE B 26 11.69 -19.09 46.33
C PHE B 26 11.62 -20.50 45.75
N LYS B 27 12.77 -21.11 45.42
CA LYS B 27 12.75 -22.46 44.84
C LYS B 27 12.02 -23.41 45.78
N VAL B 28 12.40 -23.41 47.05
CA VAL B 28 11.77 -24.30 48.07
C VAL B 28 10.28 -24.01 48.16
N ALA B 29 9.89 -22.74 48.29
CA ALA B 29 8.47 -22.38 48.38
C ALA B 29 7.74 -22.92 47.14
N MET B 30 8.30 -22.64 45.96
CA MET B 30 7.73 -23.09 44.68
C MET B 30 7.66 -24.62 44.67
N GLN B 31 8.71 -25.30 45.12
CA GLN B 31 8.67 -26.78 45.19
C GLN B 31 7.55 -27.21 46.15
N ASN B 32 7.39 -26.51 47.27
CA ASN B 32 6.36 -26.83 48.29
C ASN B 32 4.95 -26.65 47.71
N VAL B 33 4.65 -25.52 47.08
CA VAL B 33 3.28 -25.33 46.51
C VAL B 33 2.95 -26.39 45.45
N GLY B 34 3.91 -26.87 44.67
CA GLY B 34 3.65 -27.94 43.70
C GLY B 34 3.10 -29.17 44.39
N GLU B 35 3.65 -29.53 45.55
CA GLU B 35 3.18 -30.68 46.36
C GLU B 35 1.73 -30.42 46.78
N LYS B 36 1.43 -29.19 47.18
CA LYS B 36 0.05 -28.83 47.56
C LYS B 36 -0.80 -28.81 46.30
N LEU B 37 -0.25 -28.30 45.20
CA LEU B 37 -0.99 -28.24 43.93
C LEU B 37 -1.33 -29.66 43.50
N ARG B 38 -0.36 -30.56 43.60
CA ARG B 38 -0.53 -31.97 43.19
C ARG B 38 -1.45 -32.71 44.15
N ALA B 39 -1.55 -32.25 45.39
CA ALA B 39 -2.41 -32.85 46.44
C ALA B 39 -3.89 -32.62 46.16
N SER B 40 -4.23 -31.62 45.34
CA SER B 40 -5.65 -31.31 45.00
C SER B 40 -6.13 -32.15 43.82
N LYS B 41 -5.29 -33.02 43.28
CA LYS B 41 -5.67 -33.94 42.20
C LYS B 41 -6.30 -33.17 41.04
N PRO B 42 -5.62 -32.17 40.45
CA PRO B 42 -6.17 -31.44 39.32
C PRO B 42 -5.98 -32.29 38.06
N ASP B 43 -6.79 -32.03 37.03
CA ASP B 43 -6.67 -32.81 35.79
C ASP B 43 -5.83 -32.03 34.79
N VAL B 44 -5.74 -30.72 34.97
CA VAL B 44 -4.98 -29.84 34.05
C VAL B 44 -4.56 -28.60 34.81
N VAL B 45 -3.47 -27.95 34.39
CA VAL B 45 -3.01 -26.70 35.06
C VAL B 45 -3.16 -25.54 34.08
N LEU B 46 -3.83 -24.48 34.50
CA LEU B 46 -4.05 -23.27 33.66
C LEU B 46 -2.95 -22.26 34.00
N ILE B 47 -2.04 -21.99 33.06
CA ILE B 47 -0.91 -21.08 33.38
C ILE B 47 -1.00 -19.80 32.57
N TYR B 48 -0.65 -18.67 33.18
CA TYR B 48 -0.57 -17.37 32.48
C TYR B 48 0.70 -16.66 32.94
N SER B 49 1.74 -16.65 32.13
CA SER B 49 2.99 -15.96 32.53
C SER B 49 3.07 -14.58 31.87
N THR B 50 3.70 -13.63 32.56
CA THR B 50 3.81 -12.24 32.05
C THR B 50 4.90 -12.12 30.98
N GLN B 51 5.77 -13.10 30.86
CA GLN B 51 6.92 -13.04 29.92
C GLN B 51 6.59 -13.58 28.54
N TRP B 52 5.38 -14.09 28.33
CA TRP B 52 5.01 -14.60 26.99
C TRP B 52 4.09 -13.56 26.32
N PHE B 53 4.64 -12.76 25.43
CA PHE B 53 3.87 -11.67 24.82
C PHE B 53 3.12 -12.11 23.56
N ALA B 54 1.93 -11.54 23.39
CA ALA B 54 1.10 -11.71 22.20
C ALA B 54 0.78 -10.30 21.71
N VAL B 55 0.74 -10.08 20.41
CA VAL B 55 0.51 -8.69 19.94
C VAL B 55 -0.74 -8.64 19.05
N LEU B 56 -0.95 -9.66 18.23
CA LEU B 56 -2.12 -9.63 17.33
C LEU B 56 -3.22 -10.46 17.97
N ASP B 57 -3.24 -11.75 17.67
CA ASP B 57 -4.26 -12.68 18.23
C ASP B 57 -3.88 -13.11 19.64
N GLU B 58 -4.80 -13.75 20.34
CA GLU B 58 -4.51 -14.32 21.68
C GLU B 58 -3.92 -15.70 21.42
N ILE B 59 -2.74 -15.98 21.94
CA ILE B 59 -2.06 -17.27 21.64
C ILE B 59 -2.21 -18.26 22.78
N TRP B 60 -2.44 -19.52 22.43
CA TRP B 60 -2.56 -20.66 23.37
C TRP B 60 -1.55 -21.71 22.94
N LEU B 61 -0.76 -22.23 23.88
CA LEU B 61 0.23 -23.26 23.54
C LEU B 61 -0.53 -24.52 23.16
N THR B 62 -0.20 -25.15 22.02
CA THR B 62 -0.95 -26.36 21.60
C THR B 62 -0.01 -27.47 21.14
N ARG B 63 1.27 -27.41 21.49
CA ARG B 63 2.18 -28.51 21.09
C ARG B 63 1.99 -29.62 22.12
N GLN B 64 1.74 -30.84 21.65
CA GLN B 64 1.51 -32.00 22.53
C GLN B 64 2.62 -32.07 23.57
N ARG B 65 3.86 -32.24 23.13
CA ARG B 65 5.04 -32.29 24.03
C ARG B 65 6.10 -31.33 23.51
N SER B 66 6.41 -30.28 24.26
CA SER B 66 7.42 -29.28 23.89
C SER B 66 8.70 -29.54 24.69
N LEU B 67 9.65 -30.24 24.09
CA LEU B 67 10.92 -30.65 24.73
C LEU B 67 12.07 -29.84 24.16
N ASP B 68 12.72 -29.00 24.97
CA ASP B 68 13.85 -28.16 24.50
C ASP B 68 14.72 -27.72 25.68
N ILE B 69 15.64 -26.80 25.42
CA ILE B 69 16.56 -26.19 26.42
C ILE B 69 16.57 -24.68 26.19
N HIS B 70 16.20 -23.89 27.20
CA HIS B 70 16.10 -22.42 27.06
C HIS B 70 17.25 -21.72 27.79
N VAL B 71 17.74 -20.63 27.23
CA VAL B 71 18.80 -19.80 27.86
C VAL B 71 18.22 -18.40 27.98
N ASP B 72 18.01 -17.89 29.20
CA ASP B 72 17.40 -16.57 29.44
C ASP B 72 18.20 -15.47 28.73
N GLU B 73 17.50 -14.47 28.20
CA GLU B 73 18.14 -13.35 27.46
C GLU B 73 18.90 -12.45 28.42
N ASN B 74 18.48 -12.38 29.67
CA ASN B 74 19.15 -11.46 30.62
C ASN B 74 20.07 -12.27 31.53
N TRP B 75 19.62 -13.44 31.92
CA TRP B 75 20.42 -14.26 32.86
C TRP B 75 21.05 -15.42 32.12
N HIS B 76 21.78 -15.09 31.06
CA HIS B 76 22.44 -16.12 30.22
C HIS B 76 23.75 -16.54 30.87
N GLU B 77 24.25 -15.78 31.84
CA GLU B 77 25.54 -16.09 32.49
C GLU B 77 25.38 -17.07 33.65
N PHE B 78 24.18 -17.60 33.89
CA PHE B 78 23.98 -18.51 35.04
C PHE B 78 23.65 -19.92 34.57
N GLY B 79 23.55 -20.16 33.27
CA GLY B 79 23.28 -21.53 32.80
C GLY B 79 22.11 -21.63 31.85
N GLU B 80 21.45 -22.79 31.85
CA GLU B 80 20.29 -23.03 30.97
C GLU B 80 19.19 -23.74 31.74
N LEU B 81 17.99 -23.77 31.18
CA LEU B 81 16.82 -24.39 31.84
C LEU B 81 16.17 -25.40 30.91
N PRO B 82 16.52 -26.70 30.95
CA PRO B 82 15.90 -27.70 30.11
C PRO B 82 14.43 -27.91 30.49
N TYR B 83 13.58 -28.22 29.53
CA TYR B 83 12.15 -28.41 29.87
C TYR B 83 11.55 -29.51 29.01
N ASP B 84 10.45 -30.09 29.52
CA ASP B 84 9.68 -31.16 28.84
C ASP B 84 8.24 -30.88 29.22
N ILE B 85 7.60 -29.95 28.52
CA ILE B 85 6.22 -29.53 28.86
C ILE B 85 5.21 -30.19 27.95
N TYR B 86 4.25 -30.90 28.55
CA TYR B 86 3.17 -31.57 27.81
C TYR B 86 1.92 -30.70 27.94
N SER B 87 1.23 -30.43 26.85
CA SER B 87 0.01 -29.58 26.94
C SER B 87 -1.21 -30.43 26.62
N ASP B 88 -2.38 -29.99 27.08
CA ASP B 88 -3.65 -30.67 26.74
C ASP B 88 -4.10 -30.05 25.43
N VAL B 89 -3.88 -30.74 24.33
CA VAL B 89 -4.16 -30.20 22.98
C VAL B 89 -5.67 -30.06 22.78
N ASP B 90 -6.47 -30.92 23.39
CA ASP B 90 -7.93 -30.82 23.18
C ASP B 90 -8.47 -29.62 23.95
N LEU B 91 -8.06 -29.49 25.20
CA LEU B 91 -8.54 -28.39 26.07
C LEU B 91 -8.04 -27.05 25.52
N ALA B 92 -6.78 -26.98 25.11
CA ALA B 92 -6.22 -25.72 24.58
C ALA B 92 -6.98 -25.27 23.34
N ASN B 93 -7.34 -26.21 22.46
CA ASN B 93 -8.08 -25.89 21.22
C ASN B 93 -9.50 -25.48 21.56
N ALA B 94 -10.05 -26.02 22.64
CA ALA B 94 -11.41 -25.67 23.09
C ALA B 94 -11.41 -24.25 23.62
N CYS B 95 -10.30 -23.82 24.21
CA CYS B 95 -10.16 -22.44 24.70
C CYS B 95 -9.98 -21.50 23.51
N ILE B 96 -9.33 -21.98 22.46
CA ILE B 96 -9.15 -21.14 21.26
C ILE B 96 -10.51 -20.92 20.63
N GLU B 97 -11.36 -21.94 20.61
CA GLU B 97 -12.71 -21.82 20.01
C GLU B 97 -13.64 -21.09 20.96
N SER B 98 -13.33 -21.06 22.25
CA SER B 98 -14.22 -20.38 23.21
C SER B 98 -14.03 -18.88 23.08
N CYS B 99 -12.79 -18.44 22.84
CA CYS B 99 -12.50 -16.99 22.69
C CYS B 99 -13.19 -16.49 21.44
N ARG B 100 -12.95 -17.17 20.33
CA ARG B 100 -13.51 -16.85 19.00
C ARG B 100 -15.01 -16.55 19.11
N ALA B 101 -15.77 -17.42 19.77
CA ALA B 101 -17.23 -17.23 19.99
C ALA B 101 -17.51 -15.96 20.78
N ALA B 102 -16.63 -15.54 21.68
CA ALA B 102 -16.83 -14.33 22.51
C ALA B 102 -16.23 -13.09 21.84
N GLY B 103 -15.80 -13.21 20.59
CA GLY B 103 -15.27 -12.07 19.82
C GLY B 103 -13.80 -11.84 20.07
N VAL B 104 -13.14 -12.80 20.69
CA VAL B 104 -11.69 -12.66 21.01
C VAL B 104 -10.89 -13.47 19.98
N ASN B 105 -10.16 -12.78 19.12
CA ASN B 105 -9.36 -13.45 18.07
C ASN B 105 -8.33 -14.31 18.76
N ALA B 106 -8.30 -15.61 18.45
CA ALA B 106 -7.35 -16.53 19.09
C ALA B 106 -6.81 -17.52 18.07
N ARG B 107 -5.68 -18.14 18.37
CA ARG B 107 -5.08 -19.16 17.48
C ARG B 107 -4.08 -19.98 18.30
N GLY B 108 -3.72 -21.16 17.82
CA GLY B 108 -2.79 -22.01 18.57
C GLY B 108 -1.35 -21.75 18.25
N ALA B 109 -0.45 -22.43 18.96
CA ALA B 109 0.99 -22.29 18.71
C ALA B 109 1.58 -23.69 18.83
N ASP B 110 1.76 -24.36 17.70
CA ASP B 110 2.28 -25.75 17.72
C ASP B 110 3.44 -25.84 16.74
N TYR B 111 4.63 -25.38 17.14
CA TYR B 111 5.81 -25.40 16.24
C TYR B 111 7.03 -25.86 17.03
N GLU B 112 7.96 -26.50 16.34
CA GLU B 112 9.21 -26.95 17.00
C GLU B 112 10.07 -25.70 17.14
N SER B 113 10.73 -25.56 18.30
CA SER B 113 11.61 -24.44 18.70
C SER B 113 10.81 -23.17 18.97
N PHE B 114 9.55 -23.32 19.32
CA PHE B 114 8.73 -22.12 19.63
C PHE B 114 9.24 -21.52 20.95
N PRO B 115 9.52 -20.21 20.98
CA PRO B 115 10.05 -19.58 22.17
C PRO B 115 9.15 -19.52 23.40
N ILE B 116 9.06 -20.62 24.15
CA ILE B 116 8.29 -20.61 25.42
C ILE B 116 9.07 -19.70 26.38
N ASP B 117 8.38 -18.88 27.16
CA ASP B 117 9.04 -17.91 28.06
C ASP B 117 9.67 -18.60 29.26
N THR B 118 10.61 -17.91 29.92
CA THR B 118 11.32 -18.46 31.10
C THR B 118 10.35 -18.66 32.26
N GLY B 119 9.37 -17.78 32.40
CA GLY B 119 8.43 -17.89 33.53
C GLY B 119 7.65 -19.17 33.49
N THR B 120 7.13 -19.54 32.33
CA THR B 120 6.35 -20.78 32.20
C THR B 120 7.27 -21.99 32.41
N ILE B 121 8.52 -21.89 31.95
CA ILE B 121 9.48 -23.02 32.07
C ILE B 121 9.83 -23.26 33.53
N VAL B 122 10.24 -22.23 34.27
CA VAL B 122 10.64 -22.45 35.70
C VAL B 122 9.42 -22.82 36.54
N ALA B 123 8.23 -22.34 36.20
CA ALA B 123 7.07 -22.72 37.03
C ALA B 123 6.75 -24.19 36.79
N CYS B 124 6.95 -24.67 35.56
CA CYS B 124 6.63 -26.08 35.22
C CYS B 124 7.71 -26.98 35.83
N ASN B 125 8.95 -26.53 35.81
CA ASN B 125 10.08 -27.34 36.33
C ASN B 125 10.05 -27.39 37.86
N ALA B 126 9.77 -26.27 38.51
CA ALA B 126 9.80 -26.20 39.99
C ALA B 126 8.58 -26.87 40.60
N LEU B 127 7.41 -26.69 39.99
CA LEU B 127 6.18 -27.29 40.57
C LEU B 127 5.96 -28.70 40.05
N LYS B 128 6.87 -29.23 39.23
CA LYS B 128 6.77 -30.59 38.66
C LYS B 128 5.40 -30.74 38.02
N VAL B 129 5.09 -29.80 37.13
CA VAL B 129 3.77 -29.71 36.46
C VAL B 129 4.01 -29.64 34.95
N GLY B 130 3.02 -30.02 34.16
CA GLY B 130 3.21 -30.01 32.70
C GLY B 130 3.83 -31.31 32.27
N THR B 131 3.33 -32.40 32.83
CA THR B 131 3.86 -33.75 32.54
C THR B 131 2.81 -34.54 31.78
N SER B 132 3.13 -35.78 31.45
CA SER B 132 2.21 -36.64 30.69
C SER B 132 0.88 -36.80 31.43
N ASP B 133 0.92 -37.00 32.75
CA ASP B 133 -0.31 -37.26 33.53
C ASP B 133 -0.93 -35.96 34.05
N LEU B 134 -0.12 -34.91 34.20
CA LEU B 134 -0.65 -33.61 34.67
C LEU B 134 -0.20 -32.57 33.66
N PRO B 135 -0.91 -32.38 32.54
CA PRO B 135 -0.51 -31.45 31.50
C PRO B 135 -0.93 -30.01 31.80
N VAL B 136 -0.59 -29.09 30.91
CA VAL B 136 -0.91 -27.66 31.14
C VAL B 136 -1.65 -27.08 29.95
N VAL B 137 -2.22 -25.90 30.16
CA VAL B 137 -2.88 -25.10 29.09
C VAL B 137 -2.37 -23.69 29.36
N VAL B 138 -1.53 -23.15 28.48
CA VAL B 138 -0.93 -21.82 28.76
C VAL B 138 -1.50 -20.76 27.83
N ALA B 139 -1.90 -19.62 28.40
CA ALA B 139 -2.42 -18.47 27.63
C ALA B 139 -1.36 -17.39 27.61
N SER B 140 -1.27 -16.65 26.51
CA SER B 140 -0.22 -15.62 26.39
C SER B 140 -0.66 -14.31 27.03
N ASN B 141 0.27 -13.37 27.08
CA ASN B 141 0.00 -12.03 27.63
C ASN B 141 -0.20 -11.08 26.47
N ASN B 142 -1.42 -10.97 25.96
CA ASN B 142 -1.63 -9.98 24.89
C ASN B 142 -1.37 -8.61 25.50
N LEU B 143 -0.52 -7.80 24.88
CA LEU B 143 -0.15 -6.48 25.43
C LEU B 143 -1.28 -5.46 25.30
N TYR B 144 -2.28 -5.71 24.47
CA TYR B 144 -3.42 -4.77 24.33
C TYR B 144 -4.58 -5.26 25.19
N ASP B 145 -4.34 -6.25 26.03
CA ASP B 145 -5.38 -6.76 26.94
C ASP B 145 -5.13 -6.13 28.31
N ASP B 146 -6.11 -5.40 28.83
CA ASP B 146 -5.93 -4.70 30.13
C ASP B 146 -6.30 -5.63 31.29
N GLN B 147 -6.17 -5.14 32.50
CA GLN B 147 -6.43 -5.93 33.73
C GLN B 147 -7.83 -6.54 33.68
N ALA B 148 -8.83 -5.73 33.33
CA ALA B 148 -10.22 -6.21 33.30
C ALA B 148 -10.40 -7.26 32.21
N ALA B 149 -9.69 -7.12 31.10
CA ALA B 149 -9.84 -8.07 29.97
C ALA B 149 -9.20 -9.41 30.34
N THR B 150 -8.14 -9.36 31.15
CA THR B 150 -7.40 -10.57 31.58
C THR B 150 -8.28 -11.40 32.51
N GLU B 151 -9.14 -10.76 33.29
CA GLU B 151 -10.06 -11.49 34.20
C GLU B 151 -11.10 -12.20 33.35
N ARG B 152 -11.55 -11.55 32.28
CA ARG B 152 -12.57 -12.14 31.38
C ARG B 152 -11.96 -13.33 30.65
N LEU B 153 -10.69 -13.25 30.30
CA LEU B 153 -10.00 -14.35 29.58
C LEU B 153 -9.82 -15.51 30.54
N ALA B 154 -9.52 -15.23 31.80
CA ALA B 154 -9.36 -16.32 32.78
C ALA B 154 -10.73 -16.91 33.08
N ALA B 155 -11.73 -16.05 33.15
CA ALA B 155 -13.10 -16.50 33.47
C ALA B 155 -13.62 -17.42 32.36
N LEU B 156 -13.29 -17.11 31.11
CA LEU B 156 -13.72 -17.82 29.90
C LEU B 156 -13.04 -19.19 29.82
N ALA B 157 -11.74 -19.22 30.10
CA ALA B 157 -10.95 -20.46 30.01
C ALA B 157 -11.36 -21.42 31.12
N VAL B 158 -11.77 -20.89 32.27
CA VAL B 158 -12.17 -21.78 33.38
C VAL B 158 -13.54 -22.37 33.04
N ALA B 159 -14.50 -21.54 32.63
CA ALA B 159 -15.85 -22.02 32.29
C ALA B 159 -15.75 -23.12 31.24
N CYS B 160 -14.99 -22.85 30.18
CA CYS B 160 -14.78 -23.80 29.08
C CYS B 160 -14.26 -25.15 29.60
N ILE B 161 -13.22 -25.15 30.42
CA ILE B 161 -12.60 -26.41 30.93
C ILE B 161 -13.49 -27.02 32.00
N SER B 162 -14.21 -26.19 32.77
CA SER B 162 -15.12 -26.68 33.83
C SER B 162 -16.24 -27.51 33.25
N GLU B 163 -16.72 -27.15 32.05
CA GLU B 163 -17.84 -27.83 31.35
C GLU B 163 -17.42 -29.17 30.75
N LYS B 164 -16.13 -29.48 30.71
CA LYS B 164 -15.66 -30.78 30.21
C LYS B 164 -15.47 -31.74 31.39
N GLY B 165 -15.82 -31.28 32.60
CA GLY B 165 -15.72 -32.10 33.82
C GLY B 165 -14.31 -32.31 34.29
N LYS B 166 -13.43 -31.34 34.06
CA LYS B 166 -12.02 -31.49 34.47
C LYS B 166 -11.78 -30.65 35.71
N ARG B 167 -10.88 -31.08 36.59
CA ARG B 167 -10.51 -30.35 37.83
C ARG B 167 -9.35 -29.42 37.47
N ILE B 168 -9.48 -28.14 37.79
CA ILE B 168 -8.44 -27.17 37.34
C ILE B 168 -7.64 -26.60 38.50
N ALA B 169 -6.34 -26.49 38.29
CA ALA B 169 -5.40 -25.80 39.20
C ALA B 169 -4.95 -24.57 38.40
N VAL B 170 -4.99 -23.37 38.96
CA VAL B 170 -4.60 -22.19 38.13
C VAL B 170 -3.38 -21.50 38.73
N ILE B 171 -2.40 -21.21 37.90
CA ILE B 171 -1.15 -20.53 38.35
C ILE B 171 -1.01 -19.22 37.58
N GLY B 172 -0.62 -18.16 38.26
CA GLY B 172 -0.33 -16.89 37.59
C GLY B 172 1.15 -16.66 37.78
N VAL B 173 1.93 -16.62 36.70
CA VAL B 173 3.41 -16.44 36.87
C VAL B 173 3.79 -14.98 36.64
N GLY B 174 4.50 -14.38 37.60
CA GLY B 174 4.91 -12.98 37.48
C GLY B 174 5.35 -12.43 38.82
N GLY B 175 5.95 -11.25 38.85
CA GLY B 175 6.46 -10.72 40.13
C GLY B 175 5.53 -9.74 40.81
N LEU B 176 6.06 -8.87 41.65
CA LEU B 176 5.24 -7.83 42.33
C LEU B 176 5.83 -6.48 41.93
N SER B 177 6.68 -5.90 42.76
CA SER B 177 7.33 -4.61 42.42
C SER B 177 8.21 -4.80 41.19
N GLY B 178 8.30 -3.82 40.31
CA GLY B 178 9.08 -4.05 39.08
C GLY B 178 10.41 -3.35 39.00
N SER B 179 10.67 -2.35 39.83
CA SER B 179 11.99 -1.67 39.74
C SER B 179 13.07 -2.70 40.01
N VAL B 180 14.07 -2.82 39.15
CA VAL B 180 15.15 -3.81 39.38
C VAL B 180 16.50 -3.10 39.31
N PHE B 181 17.57 -3.77 39.72
CA PHE B 181 18.91 -3.13 39.65
C PHE B 181 19.35 -3.16 38.20
N THR B 182 20.12 -2.15 37.78
CA THR B 182 20.58 -2.09 36.38
C THR B 182 22.10 -2.17 36.36
N THR B 183 22.69 -2.73 37.40
CA THR B 183 24.16 -2.86 37.51
C THR B 183 24.49 -4.22 38.14
N ALA B 184 25.71 -4.69 37.98
CA ALA B 184 26.12 -5.97 38.58
C ALA B 184 26.32 -5.79 40.07
N ILE B 185 25.49 -6.43 40.89
CA ILE B 185 25.61 -6.31 42.37
C ILE B 185 25.96 -7.69 42.94
N ASP B 186 26.39 -7.72 44.20
CA ASP B 186 26.67 -9.01 44.87
C ASP B 186 25.31 -9.52 45.32
N PRO B 187 24.92 -10.78 45.06
CA PRO B 187 23.62 -11.27 45.47
C PRO B 187 23.20 -11.11 46.94
N ALA B 188 24.13 -11.04 47.89
CA ALA B 188 23.80 -10.91 49.33
C ALA B 188 23.30 -9.51 49.69
N GLU B 189 23.54 -8.52 48.84
CA GLU B 189 23.10 -7.13 49.06
C GLU B 189 21.72 -6.91 48.43
N ASP B 190 21.11 -7.95 47.88
CA ASP B 190 19.80 -7.86 47.22
C ASP B 190 18.71 -7.50 48.22
N ARG B 191 17.79 -6.64 47.81
CA ARG B 191 16.64 -6.18 48.64
C ARG B 191 15.71 -5.39 47.72
N VAL B 192 14.41 -5.32 48.02
CA VAL B 192 13.57 -4.52 47.09
C VAL B 192 14.03 -3.07 47.16
N VAL B 193 14.28 -2.49 45.98
CA VAL B 193 14.79 -1.12 45.70
C VAL B 193 14.23 -0.06 46.67
N LYS B 194 13.03 0.44 46.40
CA LYS B 194 12.41 1.52 47.21
C LYS B 194 11.57 0.92 48.33
N ALA B 195 11.43 1.66 49.43
CA ALA B 195 10.66 1.19 50.60
C ALA B 195 9.16 1.34 50.31
N VAL B 196 8.79 2.29 49.47
CA VAL B 196 7.35 2.49 49.15
C VAL B 196 6.80 1.17 48.62
N GLU B 197 7.48 0.62 47.61
CA GLU B 197 7.06 -0.66 46.99
C GLU B 197 7.13 -1.77 48.02
N ASP B 198 8.15 -1.78 48.86
CA ASP B 198 8.22 -2.87 49.88
C ASP B 198 6.97 -2.81 50.76
N ASP B 199 6.58 -1.65 51.22
CA ASP B 199 5.37 -1.57 52.08
C ASP B 199 4.15 -1.90 51.22
N CYS B 200 4.12 -1.39 50.00
CA CYS B 200 3.00 -1.67 49.08
C CYS B 200 2.91 -3.18 48.88
N ASN B 201 4.05 -3.82 48.61
CA ASN B 201 4.08 -5.28 48.40
C ASN B 201 3.55 -5.97 49.66
N LYS B 202 4.00 -5.52 50.83
CA LYS B 202 3.58 -6.11 52.12
C LYS B 202 2.10 -5.86 52.33
N ASN B 203 1.61 -4.70 51.92
CA ASN B 203 0.19 -4.35 52.13
C ASN B 203 -0.71 -5.20 51.23
N ILE B 204 -0.42 -5.28 49.93
CA ILE B 204 -1.32 -6.05 49.02
C ILE B 204 -1.28 -7.53 49.39
N LEU B 205 -0.13 -8.06 49.81
CA LEU B 205 -0.06 -9.48 50.20
C LEU B 205 -0.96 -9.68 51.43
N SER B 206 -0.89 -8.75 52.38
CA SER B 206 -1.69 -8.79 53.63
C SER B 206 -3.18 -8.93 53.33
N LEU B 207 -3.69 -8.19 52.33
CA LEU B 207 -5.12 -8.24 51.97
C LEU B 207 -5.46 -9.58 51.32
N MET B 208 -4.49 -10.22 50.69
CA MET B 208 -4.76 -11.52 50.04
C MET B 208 -4.92 -12.60 51.11
N GLU B 209 -4.14 -12.53 52.19
CA GLU B 209 -4.24 -13.58 53.23
C GLU B 209 -5.49 -13.34 54.09
N SER B 210 -5.97 -12.10 54.14
CA SER B 210 -7.16 -11.76 54.96
C SER B 210 -8.46 -12.16 54.25
N GLY B 211 -8.45 -12.24 52.92
CA GLY B 211 -9.67 -12.62 52.18
C GLY B 211 -10.57 -11.43 51.95
N ASN B 212 -10.07 -10.23 52.21
CA ASN B 212 -10.82 -8.96 52.06
C ASN B 212 -10.86 -8.57 50.59
N ILE B 213 -11.82 -9.10 49.84
CA ILE B 213 -11.90 -8.79 48.39
C ILE B 213 -12.22 -7.29 48.23
N GLN B 214 -13.23 -6.80 48.94
CA GLN B 214 -13.64 -5.39 48.83
C GLN B 214 -12.44 -4.47 49.07
N ALA B 215 -11.65 -4.73 50.11
CA ALA B 215 -10.48 -3.88 50.40
C ALA B 215 -9.39 -4.11 49.35
N LEU B 216 -9.31 -5.33 48.83
CA LEU B 216 -8.28 -5.66 47.82
C LEU B 216 -8.51 -4.84 46.56
N ARG B 217 -9.76 -4.68 46.15
CA ARG B 217 -10.03 -3.91 44.91
C ARG B 217 -9.67 -2.44 45.13
N GLU B 218 -9.91 -1.93 46.33
CA GLU B 218 -9.58 -0.51 46.65
C GLU B 218 -8.07 -0.31 46.55
N ALA B 219 -7.29 -1.29 47.01
CA ALA B 219 -5.82 -1.23 47.00
C ALA B 219 -5.29 -1.41 45.59
N LEU B 220 -6.07 -2.09 44.73
CA LEU B 220 -5.64 -2.40 43.35
C LEU B 220 -5.79 -1.20 42.40
N LYS B 221 -6.38 -0.09 42.86
CA LYS B 221 -6.55 1.10 42.00
C LYS B 221 -5.29 1.98 42.06
N SER B 222 -4.34 1.65 42.92
CA SER B 222 -3.11 2.47 43.07
C SER B 222 -1.89 1.55 43.10
N TYR B 223 -2.07 0.32 43.58
CA TYR B 223 -0.94 -0.64 43.73
C TYR B 223 -0.13 -0.74 42.45
N SER B 224 -0.78 -1.01 41.34
CA SER B 224 -0.05 -1.16 40.06
C SER B 224 0.82 0.08 39.79
N LYS B 225 0.25 1.27 39.93
CA LYS B 225 1.04 2.49 39.64
C LYS B 225 2.04 2.76 40.75
N GLU B 226 1.59 2.69 42.00
CA GLU B 226 2.48 3.02 43.14
C GLU B 226 3.69 2.09 43.21
N ALA B 227 3.47 0.79 43.18
CA ALA B 227 4.58 -0.18 43.36
C ALA B 227 5.29 -0.45 42.04
N ARG B 228 4.88 0.20 40.96
CA ARG B 228 5.47 -0.06 39.61
C ARG B 228 5.41 -1.57 39.38
N ALA B 229 4.20 -2.14 39.49
CA ALA B 229 4.00 -3.60 39.40
C ALA B 229 4.38 -4.14 38.03
N GLU B 230 4.82 -5.39 37.99
CA GLU B 230 5.22 -6.02 36.71
C GLU B 230 3.99 -6.25 35.84
N MET B 231 4.03 -5.74 34.62
CA MET B 231 2.95 -5.89 33.63
C MET B 231 1.61 -5.46 34.22
N GLY B 232 1.62 -4.41 35.03
CA GLY B 232 0.36 -3.88 35.61
C GLY B 232 -0.35 -4.89 36.49
N PHE B 233 0.36 -5.86 37.05
CA PHE B 233 -0.17 -6.94 37.90
C PHE B 233 -1.26 -7.71 37.14
N LYS B 234 -1.08 -7.96 35.85
CA LYS B 234 -2.12 -8.66 35.06
C LYS B 234 -2.14 -10.15 35.39
N HIS B 235 -1.05 -10.70 35.93
CA HIS B 235 -1.02 -12.14 36.28
C HIS B 235 -1.83 -12.41 37.55
N PHE B 236 -2.09 -11.40 38.37
CA PHE B 236 -2.92 -11.64 39.57
C PHE B 236 -4.38 -11.48 39.16
N HIS B 237 -4.61 -10.62 38.17
CA HIS B 237 -5.97 -10.41 37.60
C HIS B 237 -6.40 -11.70 36.89
N TRP B 238 -5.45 -12.38 36.24
CA TRP B 238 -5.75 -13.69 35.61
C TRP B 238 -6.29 -14.62 36.68
N LEU B 239 -5.62 -14.70 37.83
CA LEU B 239 -6.04 -15.56 38.96
C LEU B 239 -7.41 -15.12 39.46
N LEU B 240 -7.59 -13.81 39.65
CA LEU B 240 -8.88 -13.28 40.13
C LEU B 240 -10.00 -13.78 39.24
N GLY B 241 -9.84 -13.61 37.92
CA GLY B 241 -10.85 -14.03 36.94
C GLY B 241 -11.27 -15.48 37.06
N ALA B 242 -10.32 -16.37 37.32
CA ALA B 242 -10.62 -17.81 37.43
C ALA B 242 -11.30 -18.13 38.76
N LEU B 243 -11.17 -17.27 39.76
CA LEU B 243 -11.79 -17.53 41.07
C LEU B 243 -13.12 -16.79 41.17
N ASP B 244 -13.56 -16.18 40.08
CA ASP B 244 -14.84 -15.44 40.01
C ASP B 244 -14.83 -14.22 40.94
N GLY B 245 -13.67 -13.60 41.10
CA GLY B 245 -13.49 -12.37 41.89
C GLY B 245 -13.49 -12.60 43.39
N HIS B 246 -13.47 -13.85 43.86
CA HIS B 246 -13.54 -14.06 45.32
C HIS B 246 -12.75 -15.30 45.78
N PHE B 247 -12.04 -15.17 46.89
CA PHE B 247 -11.34 -16.31 47.54
C PHE B 247 -11.42 -16.06 49.05
N LYS B 248 -11.44 -17.11 49.86
CA LYS B 248 -11.61 -16.91 51.32
C LYS B 248 -10.35 -16.32 51.96
N GLY B 249 -9.17 -16.60 51.40
CA GLY B 249 -7.92 -16.06 51.97
C GLY B 249 -6.72 -16.63 51.26
N ALA B 250 -5.51 -16.42 51.80
CA ALA B 250 -4.34 -16.97 51.12
C ALA B 250 -3.21 -17.24 52.11
N THR B 251 -2.20 -17.99 51.68
CA THR B 251 -1.02 -18.31 52.50
C THR B 251 0.25 -17.88 51.77
N VAL B 252 0.88 -16.80 52.20
CA VAL B 252 2.16 -16.34 51.59
C VAL B 252 3.25 -17.31 52.04
N HIS B 253 3.76 -18.17 51.16
CA HIS B 253 4.83 -19.12 51.54
C HIS B 253 6.17 -18.41 51.68
N HIS B 254 6.40 -17.38 50.88
CA HIS B 254 7.65 -16.57 50.99
C HIS B 254 7.47 -15.27 50.21
N TYR B 255 7.97 -14.17 50.76
CA TYR B 255 7.97 -12.87 50.06
C TYR B 255 9.39 -12.34 50.17
N GLY B 256 10.00 -11.96 49.05
CA GLY B 256 11.39 -11.47 49.12
C GLY B 256 11.74 -10.68 47.89
N ALA B 257 13.02 -10.33 47.75
CA ALA B 257 13.48 -9.54 46.59
C ALA B 257 14.21 -10.43 45.58
N LEU B 258 14.12 -10.10 44.30
CA LEU B 258 14.81 -10.83 43.20
C LEU B 258 15.43 -9.79 42.27
N TYR B 259 16.64 -9.36 42.56
CA TYR B 259 17.40 -8.33 41.80
C TYR B 259 16.68 -6.97 41.85
N GLY B 260 16.03 -6.68 42.97
CA GLY B 260 15.32 -5.42 43.19
C GLY B 260 13.84 -5.59 42.99
N SER B 261 13.46 -6.67 42.32
CA SER B 261 12.03 -6.92 42.04
C SER B 261 11.38 -7.50 43.29
N GLY B 262 10.09 -7.28 43.46
CA GLY B 262 9.40 -7.88 44.61
C GLY B 262 8.75 -9.17 44.17
N ALA B 263 9.09 -10.29 44.79
CA ALA B 263 8.50 -11.57 44.36
C ALA B 263 7.78 -12.21 45.54
N ALA B 264 6.93 -13.21 45.28
CA ALA B 264 6.19 -13.90 46.36
C ALA B 264 5.61 -15.21 45.83
N VAL B 265 5.54 -16.22 46.68
CA VAL B 265 4.87 -17.51 46.33
C VAL B 265 3.61 -17.51 47.20
N VAL B 266 2.44 -17.33 46.60
CA VAL B 266 1.20 -17.27 47.42
C VAL B 266 0.31 -18.45 47.05
N GLU B 267 -0.44 -18.98 48.01
CA GLU B 267 -1.36 -20.11 47.78
C GLU B 267 -2.75 -19.66 48.23
N PHE B 268 -3.78 -19.81 47.40
CA PHE B 268 -5.12 -19.30 47.76
C PHE B 268 -6.02 -20.42 48.24
N SER B 269 -6.93 -20.09 49.18
CA SER B 269 -7.91 -21.03 49.67
C SER B 269 -9.24 -20.75 49.01
N ILE B 270 -9.85 -21.77 48.43
CA ILE B 270 -11.00 -21.55 47.57
C ILE B 270 -12.27 -21.53 48.39
N ASN C 3 24.27 9.21 -37.76
CA ASN C 3 22.89 8.70 -37.87
C ASN C 3 22.25 8.38 -36.50
N GLY C 4 20.93 8.53 -36.41
CA GLY C 4 20.25 8.49 -35.13
C GLY C 4 20.05 7.10 -34.55
N GLU C 5 19.60 7.08 -33.30
CA GLU C 5 19.35 5.81 -32.57
C GLU C 5 18.54 6.06 -31.32
N ILE C 6 17.89 5.02 -30.80
CA ILE C 6 17.09 5.09 -29.55
C ILE C 6 18.05 4.84 -28.40
N ILE C 7 18.09 5.70 -27.40
CA ILE C 7 19.08 5.54 -26.31
C ILE C 7 18.47 4.86 -25.08
N SER C 8 17.18 5.03 -24.86
CA SER C 8 16.54 4.40 -23.68
C SER C 8 15.04 4.31 -23.92
N GLY C 9 14.42 3.30 -23.35
CA GLY C 9 12.97 3.09 -23.43
C GLY C 9 12.45 2.90 -22.05
N PHE C 10 11.39 3.61 -21.69
CA PHE C 10 10.86 3.51 -20.31
C PHE C 10 9.36 3.25 -20.31
N ILE C 11 8.90 2.50 -19.32
CA ILE C 11 7.45 2.39 -19.06
C ILE C 11 7.21 3.62 -18.17
N ALA C 12 6.46 4.60 -18.63
CA ALA C 12 6.31 5.83 -17.84
C ALA C 12 4.84 6.11 -17.57
N PRO C 13 4.24 5.56 -16.50
CA PRO C 13 2.83 5.79 -16.20
C PRO C 13 2.38 7.25 -16.10
N HIS C 14 1.09 7.45 -16.19
CA HIS C 14 0.53 8.83 -16.23
C HIS C 14 -0.49 9.11 -15.14
N PRO C 15 -0.37 8.66 -13.87
CA PRO C 15 -1.38 8.99 -12.88
C PRO C 15 -1.26 10.47 -12.52
N PRO C 16 -2.34 11.25 -12.59
CA PRO C 16 -2.25 12.64 -12.22
C PRO C 16 -1.91 12.81 -10.74
N HIS C 17 -2.15 11.80 -9.91
CA HIS C 17 -1.81 11.93 -8.50
C HIS C 17 -0.33 12.25 -8.29
N LEU C 18 0.56 11.74 -9.14
CA LEU C 18 1.98 12.00 -8.93
C LEU C 18 2.29 13.50 -9.07
N VAL C 19 1.73 14.14 -10.10
CA VAL C 19 1.90 15.59 -10.24
C VAL C 19 1.31 16.29 -9.02
N TYR C 20 0.06 15.96 -8.69
CA TYR C 20 -0.61 16.53 -7.51
C TYR C 20 0.29 16.47 -6.28
N GLY C 21 0.90 15.32 -6.02
CA GLY C 21 1.76 15.19 -4.86
C GLY C 21 3.00 16.05 -4.94
N GLU C 22 3.52 16.26 -6.15
CA GLU C 22 4.77 17.00 -6.30
C GLU C 22 4.59 18.50 -6.11
N ASN C 23 3.43 19.03 -6.48
CA ASN C 23 3.12 20.44 -6.35
C ASN C 23 4.06 21.29 -7.21
N PRO C 24 4.10 21.07 -8.53
CA PRO C 24 4.91 21.95 -9.39
C PRO C 24 4.19 23.25 -9.64
N PRO C 25 4.88 24.28 -10.14
CA PRO C 25 4.19 25.58 -10.36
C PRO C 25 3.09 25.51 -11.42
N GLN C 26 3.19 24.57 -12.36
CA GLN C 26 2.21 24.49 -13.45
C GLN C 26 0.84 23.99 -13.02
N ASN C 27 0.69 23.48 -11.80
CA ASN C 27 -0.53 22.77 -11.41
C ASN C 27 -1.21 23.57 -10.30
N GLU C 28 -2.47 23.98 -10.55
CA GLU C 28 -3.13 24.92 -9.64
C GLU C 28 -3.41 24.35 -8.26
N PRO C 29 -4.09 23.20 -8.11
CA PRO C 29 -4.36 22.69 -6.77
C PRO C 29 -3.09 22.19 -6.11
N LYS C 30 -3.09 22.23 -4.77
CA LYS C 30 -1.93 21.82 -3.98
C LYS C 30 -2.29 20.64 -3.08
N SER C 31 -1.34 19.71 -2.94
CA SER C 31 -1.48 18.60 -2.01
C SER C 31 -0.67 18.86 -0.73
N THR C 32 -0.82 17.97 0.22
CA THR C 32 0.02 17.91 1.40
C THR C 32 1.09 16.83 1.32
N GLY C 33 1.19 16.13 0.18
CA GLY C 33 2.05 14.97 0.01
C GLY C 33 1.31 13.88 -0.74
N GLY C 34 1.87 12.68 -0.75
CA GLY C 34 1.16 11.54 -1.36
C GLY C 34 1.94 10.82 -2.44
N TRP C 35 1.74 9.52 -2.58
CA TRP C 35 2.39 8.68 -3.61
C TRP C 35 3.89 8.97 -3.70
N GLU C 36 4.55 8.99 -2.55
CA GLU C 36 5.99 9.30 -2.48
C GLU C 36 6.84 8.18 -3.08
N GLN C 37 6.48 6.92 -2.88
CA GLN C 37 7.33 5.82 -3.43
C GLN C 37 7.38 5.86 -4.96
N LEU C 38 6.29 6.26 -5.62
CA LEU C 38 6.25 6.39 -7.10
C LEU C 38 6.95 7.67 -7.53
N ARG C 39 6.96 8.69 -6.68
CA ARG C 39 7.63 9.95 -7.05
C ARG C 39 9.14 9.75 -6.95
N TRP C 40 9.59 8.92 -6.02
CA TRP C 40 11.04 8.62 -5.86
C TRP C 40 11.47 7.71 -7.01
N ALA C 41 10.54 6.90 -7.51
CA ALA C 41 10.82 6.03 -8.67
C ALA C 41 11.13 6.91 -9.86
N TYR C 42 10.36 7.97 -10.05
CA TYR C 42 10.54 8.91 -11.19
C TYR C 42 11.75 9.82 -10.96
N GLU C 43 12.20 9.96 -9.72
CA GLU C 43 13.40 10.77 -9.42
C GLU C 43 14.60 10.06 -10.02
N ARG C 44 14.61 8.73 -9.93
CA ARG C 44 15.70 7.90 -10.48
C ARG C 44 15.62 7.87 -11.99
N ALA C 45 14.41 7.97 -12.54
CA ALA C 45 14.21 7.98 -14.00
C ALA C 45 14.73 9.31 -14.53
N ARG C 46 14.37 10.40 -13.85
CA ARG C 46 14.82 11.77 -14.22
C ARG C 46 16.34 11.82 -14.27
N ALA C 47 17.03 11.21 -13.31
CA ALA C 47 18.51 11.17 -13.25
C ALA C 47 19.09 10.49 -14.48
N SER C 48 18.44 9.46 -14.99
CA SER C 48 18.92 8.77 -16.21
C SER C 48 18.74 9.72 -17.39
N ILE C 49 17.65 10.48 -17.38
CA ILE C 49 17.36 11.45 -18.47
C ILE C 49 18.38 12.58 -18.44
N GLU C 50 18.86 12.95 -17.26
CA GLU C 50 19.89 14.01 -17.14
C GLU C 50 21.20 13.48 -17.68
N GLU C 51 21.46 12.19 -17.51
CA GLU C 51 22.73 11.60 -17.99
C GLU C 51 22.60 11.19 -19.45
N LEU C 52 21.41 10.78 -19.88
CA LEU C 52 21.24 10.32 -21.27
C LEU C 52 21.31 11.52 -22.23
N LYS C 53 20.78 12.66 -21.82
CA LYS C 53 20.74 13.90 -22.65
C LYS C 53 20.12 13.58 -24.01
N PRO C 54 18.82 13.26 -24.08
CA PRO C 54 18.18 12.97 -25.36
C PRO C 54 17.90 14.24 -26.15
N ASP C 55 17.69 14.10 -27.45
CA ASP C 55 17.42 15.26 -28.33
C ASP C 55 15.90 15.41 -28.50
N VAL C 56 15.15 14.33 -28.28
CA VAL C 56 13.67 14.33 -28.45
C VAL C 56 13.07 13.26 -27.55
N LEU C 57 11.86 13.50 -27.04
CA LEU C 57 11.12 12.51 -26.23
C LEU C 57 9.92 12.09 -27.08
N LEU C 58 9.70 10.80 -27.25
CA LEU C 58 8.54 10.32 -28.05
C LEU C 58 7.57 9.66 -27.07
N VAL C 59 6.28 9.96 -27.14
CA VAL C 59 5.34 9.37 -26.17
C VAL C 59 4.08 8.88 -26.86
N HIS C 60 3.58 7.71 -26.49
CA HIS C 60 2.33 7.10 -27.00
C HIS C 60 1.35 7.13 -25.85
N SER C 61 0.19 7.77 -25.99
CA SER C 61 -0.71 7.88 -24.82
C SER C 61 -2.07 7.25 -25.09
N PRO C 62 -2.66 6.54 -24.10
CA PRO C 62 -3.97 5.93 -24.25
C PRO C 62 -5.14 6.90 -24.12
N HIS C 63 -4.87 8.15 -23.75
CA HIS C 63 -5.93 9.16 -23.50
C HIS C 63 -6.09 10.07 -24.71
N TRP C 64 -5.43 9.74 -25.80
CA TRP C 64 -5.68 10.41 -27.09
C TRP C 64 -6.08 9.30 -28.04
N ILE C 65 -7.36 8.93 -28.02
CA ILE C 65 -7.92 7.81 -28.81
C ILE C 65 -8.40 8.34 -30.16
N THR C 66 -8.05 7.65 -31.24
CA THR C 66 -8.46 8.06 -32.59
C THR C 66 -9.01 6.86 -33.36
N SER C 67 -10.08 7.05 -34.12
CA SER C 67 -10.76 5.99 -34.91
C SER C 67 -10.05 5.75 -36.24
N VAL C 68 -9.73 6.84 -36.92
CA VAL C 68 -9.12 6.78 -38.28
C VAL C 68 -7.60 6.87 -38.19
N GLY C 69 -6.95 5.76 -37.93
CA GLY C 69 -5.48 5.70 -37.97
C GLY C 69 -4.75 6.20 -36.74
N HIS C 70 -3.45 6.43 -36.91
CA HIS C 70 -2.55 6.89 -35.85
C HIS C 70 -2.20 8.36 -36.11
N HIS C 71 -2.45 9.24 -35.15
CA HIS C 71 -2.18 10.68 -35.33
C HIS C 71 -0.90 11.11 -34.62
N PHE C 72 -0.25 12.17 -35.12
CA PHE C 72 1.00 12.71 -34.56
C PHE C 72 0.88 14.23 -34.48
N ILE C 73 1.09 14.83 -33.31
CA ILE C 73 0.98 16.30 -33.24
C ILE C 73 1.99 16.91 -34.20
N GLY C 74 1.55 17.84 -35.04
CA GLY C 74 2.45 18.44 -36.04
C GLY C 74 2.43 19.95 -36.00
N VAL C 75 2.23 20.51 -34.83
CA VAL C 75 2.23 21.98 -34.66
C VAL C 75 3.54 22.36 -34.00
N ASP C 76 3.92 23.62 -34.17
CA ASP C 76 5.15 24.20 -33.59
C ASP C 76 5.10 24.06 -32.07
N HIS C 77 4.12 24.66 -31.43
CA HIS C 77 4.00 24.63 -29.95
C HIS C 77 2.54 24.78 -29.56
N LEU C 78 2.13 24.21 -28.43
CA LEU C 78 0.74 24.31 -27.94
C LEU C 78 0.80 24.79 -26.50
N GLN C 79 -0.17 25.59 -26.07
CA GLN C 79 -0.19 26.09 -24.68
C GLN C 79 -1.63 26.29 -24.27
N GLY C 80 -1.93 26.12 -23.00
CA GLY C 80 -3.28 26.29 -22.48
C GLY C 80 -3.41 25.60 -21.15
N ARG C 81 -4.61 25.26 -20.72
CA ARG C 81 -4.73 24.57 -19.43
C ARG C 81 -5.39 23.22 -19.64
N SER C 82 -4.82 22.17 -19.05
CA SER C 82 -5.38 20.81 -19.14
C SER C 82 -6.02 20.46 -17.81
N VAL C 83 -7.33 20.21 -17.81
CA VAL C 83 -8.06 19.83 -16.57
C VAL C 83 -8.47 18.38 -16.74
N ASP C 84 -8.04 17.51 -15.83
CA ASP C 84 -8.39 16.07 -15.88
C ASP C 84 -9.89 15.98 -15.71
N PRO C 85 -10.62 15.21 -16.54
CA PRO C 85 -12.05 15.13 -16.40
C PRO C 85 -12.50 14.25 -15.23
N ILE C 86 -11.63 13.36 -14.79
CA ILE C 86 -11.97 12.42 -13.70
C ILE C 86 -11.37 12.93 -12.39
N PHE C 87 -10.24 13.61 -12.47
CA PHE C 87 -9.54 14.12 -11.26
C PHE C 87 -9.24 15.61 -11.40
N PRO C 88 -10.24 16.50 -11.57
CA PRO C 88 -9.98 17.94 -11.68
C PRO C 88 -9.62 18.59 -10.34
N ASN C 89 -9.82 17.90 -9.22
CA ASN C 89 -9.46 18.39 -7.88
C ASN C 89 -7.95 18.21 -7.66
N LEU C 90 -7.28 17.39 -8.48
CA LEU C 90 -5.83 17.14 -8.37
C LEU C 90 -5.07 17.62 -9.61
N PHE C 91 -5.72 17.81 -10.74
CA PHE C 91 -4.95 18.18 -11.96
C PHE C 91 -5.59 19.31 -12.74
N ARG C 92 -4.93 20.46 -12.76
CA ARG C 92 -5.33 21.69 -13.50
C ARG C 92 -4.01 22.32 -13.92
N PHE C 93 -3.38 21.75 -14.92
CA PHE C 93 -2.01 22.07 -15.39
C PHE C 93 -2.00 23.12 -16.49
N ASP C 94 -1.14 24.11 -16.35
CA ASP C 94 -0.96 25.13 -17.40
C ASP C 94 0.24 24.66 -18.20
N TYR C 95 0.02 24.16 -19.40
CA TYR C 95 1.15 23.60 -20.17
C TYR C 95 1.64 24.58 -21.23
N SER C 96 2.84 24.31 -21.71
CA SER C 96 3.52 25.03 -22.81
C SER C 96 4.50 24.04 -23.38
N ILE C 97 4.11 23.35 -24.45
CA ILE C 97 4.93 22.26 -25.03
C ILE C 97 5.44 22.64 -26.41
N ASN C 98 6.67 22.23 -26.72
CA ASN C 98 7.34 22.47 -28.01
C ASN C 98 7.49 21.10 -28.68
N PHE C 99 7.04 20.97 -29.92
CA PHE C 99 7.07 19.64 -30.56
C PHE C 99 8.12 19.57 -31.66
N ASP C 100 8.67 18.37 -31.86
CA ASP C 100 9.63 18.12 -32.95
C ASP C 100 8.76 17.81 -34.16
N VAL C 101 8.46 18.83 -34.95
CA VAL C 101 7.55 18.70 -36.12
C VAL C 101 8.14 17.75 -37.15
N GLU C 102 9.41 17.90 -37.44
CA GLU C 102 10.10 17.11 -38.48
C GLU C 102 10.14 15.62 -38.14
N LEU C 103 10.37 15.26 -36.88
CA LEU C 103 10.40 13.83 -36.54
C LEU C 103 8.97 13.29 -36.56
N SER C 104 8.00 14.13 -36.20
CA SER C 104 6.59 13.69 -36.25
C SER C 104 6.19 13.44 -37.70
N GLU C 105 6.56 14.35 -38.60
CA GLU C 105 6.20 14.18 -40.03
C GLU C 105 6.87 12.92 -40.57
N ALA C 106 8.12 12.69 -40.19
CA ALA C 106 8.85 11.49 -40.65
C ALA C 106 8.19 10.25 -40.08
N CYS C 107 7.75 10.32 -38.83
CA CYS C 107 7.07 9.17 -38.16
C CYS C 107 5.77 8.88 -38.88
N CYS C 108 5.07 9.92 -39.32
CA CYS C 108 3.79 9.79 -40.05
C CYS C 108 4.08 9.27 -41.46
N GLU C 109 5.17 9.74 -42.08
CA GLU C 109 5.52 9.30 -43.45
C GLU C 109 5.90 7.82 -43.45
N GLU C 110 6.66 7.38 -42.46
CA GLU C 110 7.12 5.97 -42.41
C GLU C 110 5.97 5.05 -42.02
N GLY C 111 4.97 5.55 -41.32
CA GLY C 111 3.84 4.69 -40.94
C GLY C 111 2.94 4.43 -42.11
N ARG C 112 2.78 5.43 -42.97
CA ARG C 112 1.94 5.36 -44.18
C ARG C 112 2.61 4.40 -45.16
N LYS C 113 3.92 4.44 -45.22
CA LYS C 113 4.77 3.61 -46.09
C LYS C 113 4.62 2.14 -45.69
N ALA C 114 4.46 1.88 -44.40
CA ALA C 114 4.30 0.52 -43.84
C ALA C 114 2.86 0.04 -43.92
N GLY C 115 1.93 0.87 -44.39
CA GLY C 115 0.54 0.43 -44.59
C GLY C 115 -0.42 0.91 -43.54
N LEU C 116 0.04 1.68 -42.55
CA LEU C 116 -0.87 2.19 -41.51
C LEU C 116 -1.55 3.45 -42.04
N VAL C 117 -2.64 3.85 -41.38
CA VAL C 117 -3.34 5.10 -41.75
C VAL C 117 -2.78 6.15 -40.80
N THR C 118 -2.28 7.27 -41.29
CA THR C 118 -1.70 8.27 -40.37
C THR C 118 -2.19 9.67 -40.71
N LYS C 119 -2.24 10.55 -39.71
CA LYS C 119 -2.67 11.95 -39.93
C LYS C 119 -1.80 12.85 -39.08
N MET C 120 -1.51 14.05 -39.57
CA MET C 120 -0.74 15.03 -38.76
C MET C 120 -1.77 15.95 -38.11
N MET C 121 -1.50 16.37 -36.88
CA MET C 121 -2.39 17.28 -36.12
C MET C 121 -1.83 18.70 -36.27
N ARG C 122 -2.43 19.53 -37.12
CA ARG C 122 -1.88 20.88 -37.37
C ARG C 122 -2.73 21.97 -36.74
N ASN C 123 -3.82 21.63 -36.08
CA ASN C 123 -4.71 22.64 -35.47
C ASN C 123 -4.02 23.28 -34.26
N PRO C 124 -3.72 24.59 -34.27
CA PRO C 124 -3.04 25.23 -33.15
C PRO C 124 -3.81 25.46 -31.84
N ARG C 125 -5.09 25.13 -31.83
CA ARG C 125 -5.90 25.28 -30.60
C ARG C 125 -6.14 23.92 -29.98
N PHE C 126 -5.49 22.88 -30.51
CA PHE C 126 -5.65 21.52 -29.98
C PHE C 126 -5.12 21.46 -28.56
N ARG C 127 -5.80 20.71 -27.70
CA ARG C 127 -5.32 20.54 -26.32
C ARG C 127 -4.64 19.19 -26.20
N PRO C 128 -3.32 19.11 -25.92
CA PRO C 128 -2.65 17.84 -25.76
C PRO C 128 -3.27 17.11 -24.56
N ASP C 129 -3.41 15.80 -24.64
CA ASP C 129 -4.10 15.02 -23.59
C ASP C 129 -3.40 15.13 -22.23
N TYR C 130 -4.17 14.94 -21.17
CA TYR C 130 -3.68 14.98 -19.77
C TYR C 130 -2.67 13.86 -19.52
N GLY C 131 -2.87 12.70 -20.14
CA GLY C 131 -1.95 11.56 -19.96
C GLY C 131 -0.58 11.85 -20.52
N THR C 132 -0.52 12.46 -21.70
CA THR C 132 0.78 12.81 -22.35
C THR C 132 1.47 13.88 -21.52
N ILE C 133 0.71 14.86 -21.02
CA ILE C 133 1.30 15.94 -20.20
C ILE C 133 1.82 15.35 -18.91
N THR C 134 1.11 14.41 -18.31
CA THR C 134 1.60 13.83 -17.03
C THR C 134 2.90 13.06 -17.27
N THR C 135 2.94 12.17 -18.23
CA THR C 135 4.17 11.39 -18.48
C THR C 135 5.35 12.32 -18.74
N LEU C 136 5.17 13.34 -19.59
CA LEU C 136 6.30 14.23 -19.92
C LEU C 136 6.76 15.00 -18.69
N HIS C 137 5.87 15.44 -17.83
CA HIS C 137 6.30 16.21 -16.64
C HIS C 137 6.98 15.32 -15.62
N MET C 138 6.66 14.03 -15.60
CA MET C 138 7.30 13.15 -14.60
C MET C 138 8.65 12.68 -15.11
N ILE C 139 8.89 12.80 -16.41
CA ILE C 139 10.17 12.33 -16.99
C ILE C 139 11.11 13.52 -17.17
N ARG C 140 10.56 14.69 -17.43
CA ARG C 140 11.40 15.89 -17.63
C ARG C 140 10.57 17.12 -17.29
N PRO C 141 10.58 17.61 -16.03
CA PRO C 141 9.78 18.75 -15.62
C PRO C 141 10.36 20.14 -15.95
N GLN C 142 11.42 20.17 -16.73
CA GLN C 142 12.07 21.41 -17.20
C GLN C 142 11.40 21.81 -18.51
N TRP C 143 10.78 20.84 -19.18
CA TRP C 143 10.08 21.05 -20.47
C TRP C 143 11.05 21.72 -21.43
N ASP C 144 12.23 21.13 -21.60
CA ASP C 144 13.26 21.72 -22.49
C ASP C 144 13.64 20.70 -23.56
N ILE C 145 12.90 19.62 -23.71
CA ILE C 145 13.26 18.63 -24.76
C ILE C 145 12.08 18.53 -25.72
N PRO C 146 12.28 18.69 -27.05
CA PRO C 146 11.21 18.54 -28.03
C PRO C 146 10.49 17.21 -27.88
N VAL C 147 9.17 17.26 -28.03
CA VAL C 147 8.28 16.10 -27.83
C VAL C 147 7.69 15.66 -29.16
N VAL C 148 7.48 14.35 -29.31
CA VAL C 148 6.73 13.81 -30.47
C VAL C 148 5.53 13.11 -29.84
N SER C 149 4.32 13.62 -30.05
CA SER C 149 3.12 13.01 -29.42
C SER C 149 2.37 12.13 -30.43
N ILE C 150 2.18 10.86 -30.08
CA ILE C 150 1.45 9.91 -30.96
C ILE C 150 0.14 9.51 -30.27
N SER C 151 -0.92 9.38 -31.04
CA SER C 151 -2.23 8.99 -30.45
C SER C 151 -2.30 7.48 -30.34
N ALA C 152 -3.32 6.99 -29.65
CA ALA C 152 -3.54 5.54 -29.52
C ALA C 152 -4.70 5.14 -30.43
N ASN C 153 -4.40 4.47 -31.54
CA ASN C 153 -5.46 4.00 -32.46
C ASN C 153 -6.29 2.96 -31.72
N ASN C 154 -7.61 3.01 -31.86
CA ASN C 154 -8.53 2.12 -31.11
C ASN C 154 -8.75 0.76 -31.78
N THR C 155 -7.86 0.30 -32.64
CA THR C 155 -8.02 -1.03 -33.28
C THR C 155 -8.11 -2.07 -32.17
N PRO C 156 -7.25 -2.04 -31.13
CA PRO C 156 -7.33 -2.99 -30.02
C PRO C 156 -8.68 -3.19 -29.30
N TYR C 157 -9.58 -2.21 -29.30
CA TYR C 157 -10.89 -2.37 -28.62
C TYR C 157 -12.02 -2.42 -29.64
N TYR C 158 -11.76 -1.96 -30.87
CA TYR C 158 -12.81 -1.87 -31.91
C TYR C 158 -12.78 -3.10 -32.83
N LEU C 159 -11.58 -3.58 -33.14
CA LEU C 159 -11.47 -4.75 -34.06
C LEU C 159 -11.20 -6.00 -33.23
N SER C 160 -9.99 -6.56 -33.36
CA SER C 160 -9.58 -7.77 -32.60
C SER C 160 -8.88 -7.32 -31.32
N MET C 161 -7.65 -7.76 -31.13
CA MET C 161 -6.86 -7.38 -29.93
C MET C 161 -5.40 -7.80 -30.18
N GLU C 162 -5.23 -8.95 -30.81
CA GLU C 162 -3.88 -9.38 -31.21
C GLU C 162 -3.56 -8.69 -32.53
N GLU C 163 -4.61 -8.38 -33.30
CA GLU C 163 -4.48 -7.67 -34.58
C GLU C 163 -4.24 -6.20 -34.26
N GLY C 164 -4.84 -5.71 -33.20
CA GLY C 164 -4.65 -4.31 -32.80
C GLY C 164 -3.24 -4.10 -32.32
N LEU C 165 -2.70 -5.07 -31.58
CA LEU C 165 -1.31 -5.02 -31.06
C LEU C 165 -0.34 -5.25 -32.20
N GLY C 166 -0.76 -5.96 -33.25
CA GLY C 166 0.08 -6.16 -34.43
C GLY C 166 0.25 -4.84 -35.15
N GLU C 167 -0.80 -4.03 -35.17
CA GLU C 167 -0.78 -2.67 -35.78
C GLU C 167 0.17 -1.78 -34.98
N MET C 168 0.27 -1.99 -33.66
CA MET C 168 1.20 -1.22 -32.82
C MET C 168 2.63 -1.68 -33.09
N ASP C 169 2.82 -2.95 -33.43
CA ASP C 169 4.17 -3.48 -33.76
C ASP C 169 4.65 -2.76 -35.02
N VAL C 170 3.77 -2.58 -35.99
CA VAL C 170 4.11 -1.90 -37.27
C VAL C 170 4.45 -0.44 -37.01
N LEU C 171 3.71 0.21 -36.10
CA LEU C 171 3.93 1.64 -35.77
C LEU C 171 5.27 1.83 -35.09
N GLY C 172 5.74 0.85 -34.33
CA GLY C 172 7.04 0.94 -33.64
C GLY C 172 8.17 0.78 -34.61
N LYS C 173 8.05 -0.14 -35.56
CA LYS C 173 9.10 -0.38 -36.57
C LYS C 173 9.27 0.86 -37.43
N ALA C 174 8.16 1.52 -37.75
CA ALA C 174 8.13 2.73 -38.60
C ALA C 174 8.69 3.91 -37.81
N THR C 175 8.53 3.89 -36.50
CA THR C 175 9.00 4.97 -35.60
C THR C 175 10.52 4.88 -35.49
N ARG C 176 11.06 3.68 -35.61
CA ARG C 176 12.52 3.48 -35.54
C ARG C 176 13.13 3.88 -36.88
N GLU C 177 12.40 3.67 -37.96
CA GLU C 177 12.92 4.03 -39.30
C GLU C 177 13.12 5.53 -39.37
N ALA C 178 12.17 6.28 -38.83
CA ALA C 178 12.21 7.74 -38.85
C ALA C 178 13.32 8.23 -37.93
N ILE C 179 13.49 7.59 -36.79
CA ILE C 179 14.53 8.01 -35.81
C ILE C 179 15.91 7.80 -36.44
N LEU C 180 16.13 6.67 -37.10
CA LEU C 180 17.44 6.37 -37.71
C LEU C 180 17.80 7.38 -38.80
N LYS C 181 16.82 7.90 -39.54
CA LYS C 181 17.14 8.85 -40.62
C LYS C 181 17.17 10.28 -40.08
N SER C 182 16.91 10.49 -38.80
CA SER C 182 16.82 11.86 -38.23
C SER C 182 18.16 12.32 -37.66
N GLY C 183 18.97 11.39 -37.18
CA GLY C 183 20.28 11.73 -36.61
C GLY C 183 20.17 12.20 -35.18
N LYS C 184 19.02 11.97 -34.56
CA LYS C 184 18.79 12.43 -33.18
C LYS C 184 18.83 11.24 -32.23
N ARG C 185 19.15 11.50 -30.97
CA ARG C 185 19.17 10.47 -29.92
C ARG C 185 17.80 10.53 -29.25
N ALA C 186 17.01 9.45 -29.37
CA ALA C 186 15.63 9.50 -28.88
C ALA C 186 15.40 8.64 -27.63
N VAL C 187 14.39 9.03 -26.86
CA VAL C 187 13.98 8.27 -25.66
C VAL C 187 12.49 7.98 -25.86
N LEU C 188 12.08 6.72 -25.78
CA LEU C 188 10.65 6.40 -25.97
C LEU C 188 9.97 6.35 -24.61
N LEU C 189 8.72 6.75 -24.53
CA LEU C 189 8.03 6.71 -23.23
C LEU C 189 6.68 6.03 -23.42
N ALA C 190 6.58 4.77 -22.99
CA ALA C 190 5.30 4.04 -23.06
C ALA C 190 4.50 4.46 -21.83
N SER C 191 3.57 5.37 -22.01
CA SER C 191 2.74 5.97 -20.93
C SER C 191 1.61 5.03 -20.55
N ASN C 192 1.95 3.90 -19.96
CA ASN C 192 0.93 2.86 -19.63
C ASN C 192 1.06 2.39 -18.20
N THR C 193 -0.09 2.07 -17.63
CA THR C 193 -0.25 1.49 -16.28
C THR C 193 -0.26 -0.05 -16.43
N LEU C 194 -0.10 -0.79 -15.34
CA LEU C 194 -0.17 -2.26 -15.40
C LEU C 194 -1.57 -2.64 -14.95
N SER C 195 -1.71 -3.35 -13.83
CA SER C 195 -3.02 -3.75 -13.29
C SER C 195 -3.98 -2.55 -13.28
N HIS C 196 -5.09 -2.62 -14.01
CA HIS C 196 -5.99 -1.45 -14.05
C HIS C 196 -7.34 -1.72 -13.40
N TRP C 197 -7.44 -2.62 -12.43
CA TRP C 197 -8.70 -2.67 -11.66
C TRP C 197 -8.53 -1.54 -10.65
N HIS C 198 -9.49 -0.65 -10.49
CA HIS C 198 -9.27 0.54 -9.61
C HIS C 198 -10.41 0.72 -8.60
N PHE C 199 -10.23 1.65 -7.67
CA PHE C 199 -11.23 1.94 -6.62
C PHE C 199 -12.47 2.60 -7.24
N HIS C 200 -13.66 2.25 -6.77
CA HIS C 200 -14.87 2.88 -7.33
C HIS C 200 -15.17 4.18 -6.59
N GLU C 201 -14.50 4.40 -5.47
CA GLU C 201 -14.71 5.59 -4.63
C GLU C 201 -13.36 6.22 -4.32
N GLU C 202 -13.31 7.54 -4.16
CA GLU C 202 -12.04 8.24 -3.88
C GLU C 202 -11.95 8.56 -2.38
N PRO C 203 -10.77 8.42 -1.75
CA PRO C 203 -10.58 8.77 -0.34
C PRO C 203 -10.75 10.27 -0.11
N VAL C 204 -11.48 10.66 0.95
CA VAL C 204 -11.83 12.09 1.17
C VAL C 204 -10.61 13.00 1.13
N PRO C 205 -9.55 12.79 1.93
CA PRO C 205 -8.34 13.54 1.70
C PRO C 205 -7.80 12.59 0.62
N PRO C 206 -7.69 12.96 -0.67
CA PRO C 206 -7.23 12.05 -1.70
C PRO C 206 -5.82 11.49 -1.47
N GLU C 207 -4.95 12.28 -0.84
CA GLU C 207 -3.54 11.91 -0.55
C GLU C 207 -3.43 11.17 0.78
N ASP C 208 -4.54 10.70 1.35
CA ASP C 208 -4.48 9.87 2.57
C ASP C 208 -3.95 8.50 2.16
N MET C 209 -2.66 8.26 2.35
CA MET C 209 -2.04 7.00 1.88
C MET C 209 -2.46 5.82 2.75
N SER C 210 -2.97 6.09 3.94
CA SER C 210 -3.64 5.03 4.69
C SER C 210 -4.66 4.25 3.84
N LYS C 211 -5.25 4.91 2.83
CA LYS C 211 -6.33 4.35 2.02
C LYS C 211 -5.87 3.87 0.64
N GLU C 212 -4.57 3.89 0.41
CA GLU C 212 -3.96 3.49 -0.88
C GLU C 212 -3.46 2.05 -0.79
N HIS C 213 -3.97 1.18 -1.66
CA HIS C 213 -3.55 -0.24 -1.68
C HIS C 213 -3.99 -0.85 -2.99
N PRO C 214 -3.45 -2.00 -3.42
CA PRO C 214 -3.90 -2.62 -4.66
C PRO C 214 -5.39 -2.98 -4.59
N GLN C 215 -6.11 -2.81 -5.69
CA GLN C 215 -7.56 -3.12 -5.69
C GLN C 215 -7.77 -4.63 -5.59
N THR C 216 -6.95 -5.43 -6.24
CA THR C 216 -7.16 -6.89 -6.16
C THR C 216 -5.85 -7.60 -5.87
N LYS C 217 -5.97 -8.83 -5.38
CA LYS C 217 -4.82 -9.69 -5.05
C LYS C 217 -4.22 -10.20 -6.36
N ILE C 218 -5.07 -10.63 -7.28
CA ILE C 218 -4.61 -11.16 -8.60
C ILE C 218 -3.98 -10.05 -9.42
N GLY C 219 -4.47 -8.82 -9.30
CA GLY C 219 -3.88 -7.73 -10.07
C GLY C 219 -2.44 -7.50 -9.69
N TYR C 220 -2.16 -7.39 -8.40
CA TYR C 220 -0.79 -7.18 -7.90
C TYR C 220 0.08 -8.38 -8.27
N GLU C 221 -0.45 -9.58 -8.11
CA GLU C 221 0.28 -10.84 -8.39
C GLU C 221 0.69 -10.88 -9.86
N TRP C 222 -0.17 -10.43 -10.76
CA TRP C 222 0.13 -10.40 -12.20
C TRP C 222 1.18 -9.33 -12.47
N ASP C 223 1.12 -8.22 -11.74
CA ASP C 223 2.10 -7.13 -11.90
C ASP C 223 3.48 -7.62 -11.50
N MET C 224 3.59 -8.25 -10.34
CA MET C 224 4.89 -8.73 -9.82
C MET C 224 5.48 -9.78 -10.75
N ARG C 225 4.66 -10.64 -11.33
CA ARG C 225 5.15 -11.68 -12.25
C ARG C 225 5.78 -11.02 -13.46
N MET C 226 5.09 -10.03 -14.04
CA MET C 226 5.56 -9.38 -15.27
C MET C 226 6.77 -8.48 -15.00
N ILE C 227 6.83 -7.81 -13.84
CA ILE C 227 7.99 -6.94 -13.53
C ILE C 227 9.23 -7.82 -13.34
N GLU C 228 9.12 -8.87 -12.55
CA GLU C 228 10.27 -9.76 -12.30
C GLU C 228 10.77 -10.34 -13.61
N LEU C 229 9.88 -10.64 -14.53
CA LEU C 229 10.27 -11.20 -15.85
C LEU C 229 11.05 -10.13 -16.63
N MET C 230 10.64 -8.88 -16.50
CA MET C 230 11.29 -7.74 -17.19
C MET C 230 12.68 -7.54 -16.60
N ARG C 231 12.84 -7.75 -15.30
CA ARG C 231 14.17 -7.57 -14.68
C ARG C 231 15.11 -8.70 -15.09
N GLN C 232 14.57 -9.89 -15.37
CA GLN C 232 15.44 -11.02 -15.72
C GLN C 232 15.80 -10.98 -17.19
N GLY C 233 15.09 -10.18 -17.97
CA GLY C 233 15.39 -10.04 -19.41
C GLY C 233 14.59 -10.99 -20.25
N ARG C 234 13.63 -11.69 -19.65
CA ARG C 234 12.80 -12.65 -20.42
C ARG C 234 11.62 -11.90 -21.05
N MET C 235 11.90 -11.08 -22.06
CA MET C 235 10.87 -10.24 -22.73
C MET C 235 10.04 -11.09 -23.69
N GLU C 236 10.62 -12.15 -24.24
CA GLU C 236 9.88 -13.03 -25.19
C GLU C 236 8.72 -13.66 -24.45
N GLU C 237 8.97 -14.12 -23.22
CA GLU C 237 7.94 -14.75 -22.37
C GLU C 237 6.96 -13.70 -21.89
N VAL C 238 7.41 -12.46 -21.74
CA VAL C 238 6.56 -11.33 -21.28
C VAL C 238 5.52 -11.06 -22.36
N PHE C 239 5.91 -11.09 -23.62
CA PHE C 239 4.99 -10.81 -24.74
C PHE C 239 4.10 -12.02 -25.01
N GLN C 240 4.48 -13.20 -24.55
CA GLN C 240 3.62 -14.39 -24.76
C GLN C 240 2.51 -14.34 -23.71
N LEU C 241 2.80 -13.72 -22.58
CA LEU C 241 1.81 -13.64 -21.47
C LEU C 241 1.06 -12.32 -21.54
N LEU C 242 1.39 -11.44 -22.47
CA LEU C 242 0.73 -10.10 -22.50
C LEU C 242 -0.78 -10.24 -22.63
N PRO C 243 -1.33 -10.99 -23.59
CA PRO C 243 -2.77 -11.11 -23.71
C PRO C 243 -3.48 -11.57 -22.43
N GLN C 244 -2.97 -12.61 -21.79
CA GLN C 244 -3.60 -13.15 -20.57
C GLN C 244 -3.53 -12.13 -19.44
N PHE C 245 -2.40 -11.41 -19.37
CA PHE C 245 -2.17 -10.35 -18.36
C PHE C 245 -3.16 -9.22 -18.57
N ILE C 246 -3.42 -8.89 -19.83
CA ILE C 246 -4.34 -7.80 -20.21
C ILE C 246 -5.78 -8.20 -19.89
N GLU C 247 -6.12 -9.47 -20.08
CA GLU C 247 -7.51 -9.94 -19.84
C GLU C 247 -7.74 -10.12 -18.34
N GLU C 248 -6.79 -10.74 -17.65
CA GLU C 248 -6.92 -11.08 -16.22
C GLU C 248 -6.60 -9.91 -15.28
N ALA C 249 -5.77 -8.94 -15.70
CA ALA C 249 -5.43 -7.84 -14.78
C ALA C 249 -5.92 -6.50 -15.31
N PHE C 250 -6.58 -6.50 -16.47
CA PHE C 250 -7.11 -5.28 -17.13
C PHE C 250 -6.00 -4.25 -17.36
N ALA C 251 -4.81 -4.72 -17.73
CA ALA C 251 -3.64 -3.85 -17.87
C ALA C 251 -3.89 -2.80 -18.93
N GLU C 252 -3.34 -1.60 -18.73
CA GLU C 252 -3.49 -0.44 -19.64
C GLU C 252 -2.46 -0.49 -20.77
N VAL C 253 -1.70 -1.59 -20.91
CA VAL C 253 -0.70 -1.89 -21.97
C VAL C 253 -1.41 -2.40 -23.21
N LYS C 254 -2.73 -2.61 -23.12
CA LYS C 254 -3.68 -2.99 -24.17
C LYS C 254 -3.80 -1.80 -25.14
N SER C 255 -3.60 -0.57 -24.67
CA SER C 255 -3.62 0.67 -25.50
C SER C 255 -2.58 0.52 -26.62
N GLY C 256 -1.39 0.00 -26.32
CA GLY C 256 -0.42 -0.27 -27.38
C GLY C 256 0.92 0.39 -27.20
N ALA C 257 1.08 1.28 -26.24
CA ALA C 257 2.39 1.94 -26.12
C ALA C 257 3.47 0.93 -25.78
N PHE C 258 3.17 -0.03 -24.91
CA PHE C 258 4.19 -1.03 -24.54
C PHE C 258 4.69 -1.74 -25.78
N THR C 259 3.79 -2.25 -26.61
CA THR C 259 4.21 -2.98 -27.83
C THR C 259 4.85 -2.03 -28.81
N TRP C 260 4.36 -0.81 -28.90
CA TRP C 260 4.94 0.18 -29.83
C TRP C 260 6.40 0.42 -29.47
N MET C 261 6.68 0.63 -28.19
CA MET C 261 8.06 0.95 -27.74
C MET C 261 9.00 -0.23 -27.93
N HIS C 262 8.60 -1.43 -27.54
CA HIS C 262 9.49 -2.61 -27.67
C HIS C 262 9.72 -3.00 -29.12
N ALA C 263 8.78 -2.72 -30.00
CA ALA C 263 8.92 -3.06 -31.42
C ALA C 263 9.96 -2.14 -32.06
N ALA C 264 10.08 -0.92 -31.57
CA ALA C 264 11.04 0.05 -32.14
C ALA C 264 12.43 -0.20 -31.56
N MET C 265 12.52 -0.96 -30.47
CA MET C 265 13.82 -1.29 -29.84
C MET C 265 14.27 -2.65 -30.35
N GLN C 266 13.53 -3.20 -31.30
CA GLN C 266 13.79 -4.51 -31.93
C GLN C 266 13.71 -5.62 -30.89
N TYR C 267 12.72 -5.49 -30.00
CA TYR C 267 12.43 -6.50 -28.96
C TYR C 267 13.70 -6.93 -28.23
N PRO C 268 14.33 -6.05 -27.44
CA PRO C 268 15.53 -6.40 -26.71
C PRO C 268 15.23 -7.43 -25.62
N ASN C 269 16.17 -8.34 -25.37
CA ASN C 269 16.00 -9.34 -24.28
C ASN C 269 16.99 -8.97 -23.19
N LEU C 270 17.30 -7.68 -23.10
CA LEU C 270 18.25 -7.11 -22.12
C LEU C 270 17.52 -6.93 -20.79
N PRO C 271 18.14 -7.16 -19.63
CA PRO C 271 17.47 -7.01 -18.35
C PRO C 271 17.05 -5.57 -18.13
N ALA C 272 15.81 -5.38 -17.72
CA ALA C 272 15.29 -4.01 -17.47
C ALA C 272 15.61 -3.61 -16.05
N GLU C 273 15.50 -2.33 -15.77
CA GLU C 273 15.76 -1.84 -14.41
C GLU C 273 14.46 -1.27 -13.84
N LEU C 274 14.01 -1.78 -12.71
CA LEU C 274 12.79 -1.26 -12.07
C LEU C 274 13.19 -0.09 -11.19
N HIS C 275 12.68 1.10 -11.51
CA HIS C 275 13.00 2.31 -10.71
C HIS C 275 12.06 2.35 -9.52
N GLY C 276 10.95 1.64 -9.59
CA GLY C 276 10.01 1.61 -8.46
C GLY C 276 8.62 1.20 -8.89
N TYR C 277 7.83 0.71 -7.94
CA TYR C 277 6.43 0.30 -8.21
C TYR C 277 5.56 0.89 -7.10
N GLY C 278 4.39 1.39 -7.46
CA GLY C 278 3.48 1.92 -6.45
C GLY C 278 2.04 1.72 -6.86
N THR C 279 1.11 2.06 -5.98
CA THR C 279 -0.31 1.89 -6.35
C THR C 279 -0.95 3.27 -6.37
N VAL C 280 -1.86 3.48 -7.30
CA VAL C 280 -2.68 4.70 -7.44
C VAL C 280 -4.13 4.30 -7.63
N ILE C 281 -4.99 4.75 -6.71
CA ILE C 281 -6.36 4.25 -6.49
C ILE C 281 -6.42 2.81 -6.98
N GLY C 282 -5.55 1.96 -6.45
CA GLY C 282 -5.63 0.53 -6.68
C GLY C 282 -4.96 0.02 -7.94
N THR C 283 -4.61 0.89 -8.88
CA THR C 283 -3.97 0.45 -10.11
C THR C 283 -2.48 0.33 -9.91
N GLY C 284 -1.87 -0.64 -10.60
CA GLY C 284 -0.43 -0.89 -10.49
C GLY C 284 0.39 -0.05 -11.46
N ASN C 285 1.41 0.62 -10.92
CA ASN C 285 2.24 1.48 -11.75
C ASN C 285 3.71 1.18 -11.51
N ALA C 286 4.40 0.80 -12.60
CA ALA C 286 5.83 0.59 -12.56
C ALA C 286 6.49 1.62 -13.47
N VAL C 287 7.60 2.19 -12.99
CA VAL C 287 8.58 2.90 -13.80
C VAL C 287 9.72 1.94 -14.06
N VAL C 288 9.98 1.65 -15.34
CA VAL C 288 10.91 0.60 -15.77
C VAL C 288 11.66 1.15 -16.98
N GLU C 289 12.97 0.88 -17.06
CA GLU C 289 13.82 1.46 -18.11
C GLU C 289 14.69 0.39 -18.76
N TRP C 290 14.76 0.43 -20.09
CA TRP C 290 15.66 -0.37 -20.91
C TRP C 290 16.70 0.59 -21.46
N ASN C 291 17.86 0.67 -20.81
CA ASN C 291 18.88 1.67 -21.14
C ASN C 291 19.86 1.07 -22.16
N LEU C 292 19.61 1.34 -23.44
CA LEU C 292 20.47 0.79 -24.49
C LEU C 292 21.88 1.39 -24.49
N VAL C 293 22.09 2.52 -23.82
CA VAL C 293 23.43 3.10 -23.74
C VAL C 293 24.28 2.35 -22.74
N LYS C 294 23.78 2.17 -21.51
CA LYS C 294 24.57 1.45 -20.51
C LYS C 294 24.79 0.01 -20.90
N ALA C 295 23.99 -0.52 -21.84
CA ALA C 295 24.17 -1.87 -22.38
C ALA C 295 25.02 -1.90 -23.65
N GLY C 296 25.74 -0.82 -23.95
CA GLY C 296 26.64 -0.76 -25.09
C GLY C 296 26.06 -1.03 -26.47
N LEU C 297 24.79 -0.72 -26.70
CA LEU C 297 24.19 -0.79 -28.03
C LEU C 297 23.79 0.58 -28.57
N ALA C 298 24.09 1.66 -27.85
CA ALA C 298 23.95 3.02 -28.36
C ALA C 298 25.02 3.88 -27.70
N ARG C 299 25.59 4.83 -28.45
CA ARG C 299 26.70 5.65 -27.97
C ARG C 299 26.26 6.58 -26.82
N VAL C 300 27.24 6.98 -26.01
CA VAL C 300 27.01 7.90 -24.90
C VAL C 300 26.88 9.31 -25.44
N ALA C 301 26.40 10.23 -24.60
CA ALA C 301 26.28 11.65 -24.95
C ALA C 301 27.50 12.21 -25.67
N THR D 1 -42.13 18.95 -15.23
CA THR D 1 -42.69 17.89 -16.09
C THR D 1 -41.99 17.88 -17.45
N ILE D 2 -41.96 16.75 -18.12
CA ILE D 2 -41.31 16.65 -19.45
C ILE D 2 -42.23 17.35 -20.45
N VAL D 3 -41.69 18.14 -21.36
CA VAL D 3 -42.53 18.86 -22.35
C VAL D 3 -42.03 18.53 -23.75
N SER D 4 -40.76 18.19 -23.89
CA SER D 4 -40.21 17.80 -25.22
C SER D 4 -39.10 16.77 -25.01
N ALA D 5 -38.81 15.95 -26.02
CA ALA D 5 -37.77 14.91 -25.91
C ALA D 5 -37.14 14.73 -27.28
N PHE D 6 -35.82 14.82 -27.37
CA PHE D 6 -35.13 14.70 -28.69
C PHE D 6 -33.89 13.82 -28.57
N LEU D 7 -33.53 13.17 -29.68
CA LEU D 7 -32.28 12.38 -29.78
C LEU D 7 -31.48 13.01 -30.90
N VAL D 8 -30.24 13.43 -30.65
CA VAL D 8 -29.48 14.09 -31.74
C VAL D 8 -28.08 13.47 -31.80
N PRO D 9 -27.45 13.44 -32.99
CA PRO D 9 -26.12 12.89 -33.12
C PRO D 9 -25.08 13.78 -32.43
N GLY D 10 -23.99 13.19 -31.95
CA GLY D 10 -22.94 13.96 -31.25
C GLY D 10 -21.74 14.28 -32.14
N SER D 11 -21.76 13.82 -33.39
CA SER D 11 -20.65 14.06 -34.35
C SER D 11 -20.49 15.56 -34.62
N PRO D 12 -19.27 16.08 -34.79
CA PRO D 12 -19.07 17.48 -35.12
C PRO D 12 -19.01 17.69 -36.64
N LEU D 13 -19.06 16.60 -37.39
CA LEU D 13 -18.94 16.61 -38.87
C LEU D 13 -20.05 17.46 -39.51
N PRO D 14 -21.31 17.41 -39.06
CA PRO D 14 -22.35 18.25 -39.62
C PRO D 14 -22.15 19.74 -39.38
N HIS D 15 -21.46 20.09 -38.31
CA HIS D 15 -21.23 21.50 -37.90
C HIS D 15 -19.85 21.99 -38.33
N LEU D 16 -18.89 21.10 -38.52
CA LEU D 16 -17.53 21.53 -38.93
C LEU D 16 -17.42 21.51 -40.44
N ARG D 17 -18.15 20.61 -41.09
CA ARG D 17 -18.07 20.49 -42.57
C ARG D 17 -19.48 20.49 -43.16
N PRO D 18 -20.26 21.58 -43.07
CA PRO D 18 -21.60 21.64 -43.65
C PRO D 18 -21.67 21.95 -45.15
N ASP D 19 -20.53 21.91 -45.83
CA ASP D 19 -20.40 22.09 -47.29
C ASP D 19 -20.66 20.74 -47.96
N VAL D 20 -20.60 19.67 -47.17
CA VAL D 20 -20.90 18.28 -47.62
C VAL D 20 -22.40 18.12 -47.44
N LYS D 21 -23.16 18.12 -48.53
CA LYS D 21 -24.65 18.01 -48.54
C LYS D 21 -25.15 16.94 -47.57
N SER D 22 -24.59 15.74 -47.63
CA SER D 22 -24.93 14.57 -46.78
C SER D 22 -24.83 14.89 -45.29
N TRP D 23 -23.86 15.71 -44.87
CA TRP D 23 -23.66 16.01 -43.43
C TRP D 23 -24.43 17.27 -43.02
N GLU D 24 -24.74 18.16 -43.96
CA GLU D 24 -25.47 19.41 -43.62
C GLU D 24 -26.92 19.09 -43.23
N SER D 25 -27.48 18.01 -43.78
CA SER D 25 -28.86 17.55 -43.51
C SER D 25 -29.11 17.41 -42.00
N PHE D 26 -28.15 16.85 -41.27
CA PHE D 26 -28.24 16.68 -39.80
C PHE D 26 -28.19 18.05 -39.13
N LYS D 27 -27.40 18.95 -39.68
CA LYS D 27 -27.30 20.31 -39.09
C LYS D 27 -28.66 20.99 -39.18
N VAL D 28 -29.28 21.01 -40.35
CA VAL D 28 -30.58 21.72 -40.47
C VAL D 28 -31.67 20.99 -39.67
N ALA D 29 -31.60 19.67 -39.57
CA ALA D 29 -32.62 18.94 -38.80
C ALA D 29 -32.46 19.30 -37.32
N MET D 30 -31.22 19.42 -36.86
CA MET D 30 -30.92 19.76 -35.45
C MET D 30 -31.35 21.20 -35.18
N GLN D 31 -31.23 22.08 -36.17
CA GLN D 31 -31.63 23.50 -36.01
C GLN D 31 -33.15 23.57 -35.91
N ASN D 32 -33.84 22.69 -36.63
CA ASN D 32 -35.32 22.61 -36.64
C ASN D 32 -35.82 22.04 -35.31
N VAL D 33 -35.12 21.08 -34.72
CA VAL D 33 -35.63 20.52 -33.44
C VAL D 33 -35.44 21.51 -32.29
N GLY D 34 -34.51 22.46 -32.40
CA GLY D 34 -34.36 23.48 -31.37
C GLY D 34 -35.53 24.43 -31.42
N GLU D 35 -36.01 24.70 -32.63
CA GLU D 35 -37.18 25.57 -32.80
C GLU D 35 -38.39 24.90 -32.17
N LYS D 36 -38.52 23.59 -32.36
CA LYS D 36 -39.64 22.81 -31.77
C LYS D 36 -39.41 22.68 -30.28
N LEU D 37 -38.16 22.65 -29.85
CA LEU D 37 -37.86 22.51 -28.40
C LEU D 37 -38.21 23.80 -27.68
N ARG D 38 -38.03 24.94 -28.34
CA ARG D 38 -38.31 26.24 -27.71
C ARG D 38 -39.81 26.52 -27.75
N ALA D 39 -40.54 25.83 -28.63
CA ALA D 39 -42.00 25.97 -28.76
C ALA D 39 -42.71 25.26 -27.61
N SER D 40 -42.01 24.34 -26.95
CA SER D 40 -42.55 23.61 -25.78
C SER D 40 -42.41 24.49 -24.54
N LYS D 41 -41.74 25.63 -24.69
CA LYS D 41 -41.55 26.60 -23.60
C LYS D 41 -41.02 25.88 -22.35
N PRO D 42 -39.82 25.27 -22.40
CA PRO D 42 -39.26 24.60 -21.25
C PRO D 42 -38.49 25.60 -20.39
N ASP D 43 -38.28 25.25 -19.13
CA ASP D 43 -37.56 26.11 -18.16
C ASP D 43 -36.12 25.63 -18.02
N VAL D 44 -35.83 24.44 -18.50
CA VAL D 44 -34.46 23.87 -18.41
C VAL D 44 -34.34 22.73 -19.41
N VAL D 45 -33.15 22.51 -19.94
CA VAL D 45 -32.92 21.41 -20.90
C VAL D 45 -32.02 20.39 -20.19
N LEU D 46 -32.49 19.15 -20.09
CA LEU D 46 -31.74 18.07 -19.41
C LEU D 46 -30.98 17.30 -20.48
N ILE D 47 -29.66 17.28 -20.41
CA ILE D 47 -28.83 16.65 -21.48
C ILE D 47 -27.94 15.54 -20.94
N TYR D 48 -27.83 14.46 -21.70
CA TYR D 48 -26.91 13.36 -21.41
C TYR D 48 -26.24 13.02 -22.73
N SER D 49 -24.91 13.12 -22.78
CA SER D 49 -24.14 12.84 -24.01
C SER D 49 -23.25 11.62 -23.76
N THR D 50 -22.99 10.84 -24.80
CA THR D 50 -22.18 9.62 -24.68
C THR D 50 -20.70 9.93 -24.56
N GLN D 51 -20.26 11.11 -24.99
CA GLN D 51 -18.81 11.40 -25.02
C GLN D 51 -18.29 12.02 -23.72
N TRP D 52 -19.16 12.36 -22.77
CA TRP D 52 -18.65 12.87 -21.48
C TRP D 52 -18.57 11.69 -20.52
N PHE D 53 -17.35 11.25 -20.22
CA PHE D 53 -17.14 10.05 -19.38
C PHE D 53 -16.96 10.40 -17.92
N ALA D 54 -17.34 9.45 -17.09
CA ALA D 54 -17.17 9.45 -15.62
C ALA D 54 -16.69 8.05 -15.25
N VAL D 55 -15.80 7.91 -14.28
CA VAL D 55 -15.33 6.53 -13.94
C VAL D 55 -15.51 6.27 -12.45
N LEU D 56 -15.54 7.30 -11.62
CA LEU D 56 -15.74 7.12 -10.17
C LEU D 56 -17.16 7.58 -9.83
N ASP D 57 -17.31 8.82 -9.39
CA ASP D 57 -18.66 9.34 -9.05
C ASP D 57 -19.37 9.78 -10.33
N GLU D 58 -20.69 9.94 -10.28
CA GLU D 58 -21.44 10.48 -11.43
C GLU D 58 -21.22 11.98 -11.39
N ILE D 59 -20.88 12.59 -12.53
CA ILE D 59 -20.56 14.03 -12.53
C ILE D 59 -21.69 14.84 -13.15
N TRP D 60 -21.99 15.98 -12.53
CA TRP D 60 -23.01 16.93 -13.01
C TRP D 60 -22.28 18.24 -13.28
N LEU D 61 -22.51 18.88 -14.42
CA LEU D 61 -21.84 20.15 -14.77
C LEU D 61 -22.45 21.25 -13.91
N THR D 62 -21.67 21.86 -13.03
CA THR D 62 -22.22 22.91 -12.13
C THR D 62 -21.58 24.26 -12.38
N ARG D 63 -20.90 24.45 -13.50
CA ARG D 63 -20.29 25.75 -13.82
C ARG D 63 -21.40 26.64 -14.35
N GLN D 64 -21.62 27.77 -13.70
CA GLN D 64 -22.70 28.72 -14.09
C GLN D 64 -22.57 29.05 -15.57
N ARG D 65 -21.42 29.56 -15.98
CA ARG D 65 -21.21 29.89 -17.40
C ARG D 65 -19.89 29.26 -17.84
N SER D 66 -19.97 28.37 -18.82
CA SER D 66 -18.78 27.69 -19.36
C SER D 66 -18.55 28.25 -20.76
N LEU D 67 -17.63 29.19 -20.90
CA LEU D 67 -17.33 29.84 -22.18
C LEU D 67 -15.95 29.40 -22.64
N ASP D 68 -15.84 28.72 -23.78
CA ASP D 68 -14.52 28.25 -24.24
C ASP D 68 -14.59 27.86 -25.72
N ILE D 69 -13.52 27.23 -26.20
CA ILE D 69 -13.37 26.71 -27.58
C ILE D 69 -12.81 25.30 -27.45
N HIS D 70 -13.28 24.35 -28.26
CA HIS D 70 -12.81 22.95 -28.17
C HIS D 70 -12.44 22.42 -29.56
N VAL D 71 -11.32 21.73 -29.66
CA VAL D 71 -10.90 21.10 -30.93
C VAL D 71 -11.11 19.60 -30.78
N ASP D 72 -11.92 18.98 -31.63
CA ASP D 72 -12.18 17.53 -31.52
C ASP D 72 -10.86 16.76 -31.58
N GLU D 73 -10.76 15.69 -30.80
CA GLU D 73 -9.55 14.84 -30.75
C GLU D 73 -9.40 14.02 -32.02
N ASN D 74 -10.50 13.78 -32.73
CA ASN D 74 -10.49 13.00 -33.99
C ASN D 74 -10.62 13.95 -35.17
N TRP D 75 -11.53 14.91 -35.11
CA TRP D 75 -11.76 15.80 -36.28
C TRP D 75 -11.18 17.19 -36.03
N HIS D 76 -9.89 17.23 -35.74
CA HIS D 76 -9.15 18.48 -35.43
C HIS D 76 -8.76 19.19 -36.72
N GLU D 77 -8.86 18.52 -37.85
CA GLU D 77 -8.45 19.12 -39.14
C GLU D 77 -9.60 19.86 -39.80
N PHE D 78 -10.74 20.01 -39.15
CA PHE D 78 -11.90 20.65 -39.80
C PHE D 78 -12.25 21.97 -39.11
N GLY D 79 -11.62 22.28 -37.99
CA GLY D 79 -11.90 23.55 -37.33
C GLY D 79 -11.95 23.47 -35.83
N GLU D 80 -12.67 24.39 -35.21
CA GLU D 80 -12.82 24.44 -33.74
C GLU D 80 -14.30 24.67 -33.41
N LEU D 81 -14.71 24.31 -32.20
CA LEU D 81 -16.13 24.47 -31.79
C LEU D 81 -16.20 25.42 -30.60
N PRO D 82 -16.59 26.69 -30.78
CA PRO D 82 -16.68 27.64 -29.69
C PRO D 82 -18.01 27.44 -28.99
N TYR D 83 -18.07 27.64 -27.68
CA TYR D 83 -19.35 27.41 -26.98
C TYR D 83 -19.50 28.38 -25.81
N ASP D 84 -20.74 28.66 -25.46
CA ASP D 84 -21.12 29.53 -24.33
C ASP D 84 -22.30 28.83 -23.67
N ILE D 85 -22.02 27.92 -22.73
CA ILE D 85 -23.09 27.08 -22.12
C ILE D 85 -23.41 27.52 -20.68
N TYR D 86 -24.62 27.99 -20.44
CA TYR D 86 -25.05 28.38 -19.08
C TYR D 86 -25.85 27.23 -18.48
N SER D 87 -25.47 26.79 -17.28
CA SER D 87 -26.15 25.66 -16.60
C SER D 87 -26.99 26.18 -15.44
N ASP D 88 -28.05 25.46 -15.06
CA ASP D 88 -28.86 25.84 -13.88
C ASP D 88 -28.14 25.23 -12.69
N VAL D 89 -27.38 26.04 -11.96
CA VAL D 89 -26.56 25.53 -10.82
C VAL D 89 -27.44 24.93 -9.75
N ASP D 90 -28.50 25.62 -9.36
CA ASP D 90 -29.40 25.09 -8.30
C ASP D 90 -29.92 23.71 -8.69
N LEU D 91 -30.41 23.56 -9.92
CA LEU D 91 -30.99 22.27 -10.37
C LEU D 91 -29.91 21.20 -10.50
N ALA D 92 -28.72 21.56 -10.94
CA ALA D 92 -27.64 20.56 -11.08
C ALA D 92 -27.27 20.03 -9.70
N ASN D 93 -27.18 20.92 -8.72
CA ASN D 93 -26.81 20.55 -7.35
C ASN D 93 -27.92 19.74 -6.71
N ALA D 94 -29.17 20.00 -7.09
CA ALA D 94 -30.32 19.23 -6.56
C ALA D 94 -30.21 17.79 -7.04
N CYS D 95 -29.78 17.60 -8.28
CA CYS D 95 -29.61 16.24 -8.83
C CYS D 95 -28.43 15.56 -8.13
N ILE D 96 -27.41 16.31 -7.76
CA ILE D 96 -26.27 15.71 -7.03
C ILE D 96 -26.81 15.21 -5.70
N GLU D 97 -27.60 16.02 -5.01
CA GLU D 97 -28.15 15.65 -3.68
C GLU D 97 -29.16 14.51 -3.84
N SER D 98 -29.92 14.51 -4.92
CA SER D 98 -30.94 13.44 -5.12
C SER D 98 -30.25 12.10 -5.35
N CYS D 99 -29.11 12.12 -6.04
CA CYS D 99 -28.35 10.89 -6.37
C CYS D 99 -27.80 10.30 -5.07
N ARG D 100 -27.24 11.15 -4.23
CA ARG D 100 -26.62 10.74 -2.95
C ARG D 100 -27.67 10.06 -2.07
N ALA D 101 -28.90 10.55 -2.06
CA ALA D 101 -30.00 9.94 -1.28
C ALA D 101 -30.36 8.56 -1.83
N ALA D 102 -30.14 8.28 -3.11
CA ALA D 102 -30.45 6.96 -3.69
C ALA D 102 -29.20 6.07 -3.67
N GLY D 103 -28.14 6.53 -3.04
CA GLY D 103 -26.93 5.71 -2.93
C GLY D 103 -26.08 5.78 -4.16
N VAL D 104 -26.30 6.79 -5.00
CA VAL D 104 -25.47 6.97 -6.21
C VAL D 104 -24.46 8.06 -5.89
N ASN D 105 -23.20 7.68 -5.71
CA ASN D 105 -22.14 8.66 -5.41
C ASN D 105 -22.14 9.69 -6.53
N ALA D 106 -22.31 10.97 -6.19
CA ALA D 106 -22.35 12.02 -7.22
C ALA D 106 -21.65 13.29 -6.75
N ARG D 107 -21.16 14.09 -7.69
CA ARG D 107 -20.49 15.36 -7.36
C ARG D 107 -20.58 16.31 -8.55
N GLY D 108 -20.16 17.57 -8.40
CA GLY D 108 -20.27 18.54 -9.49
C GLY D 108 -18.96 18.83 -10.19
N ALA D 109 -19.01 19.66 -11.22
CA ALA D 109 -17.80 20.04 -11.98
C ALA D 109 -17.85 21.53 -12.30
N ASP D 110 -17.27 22.36 -11.44
CA ASP D 110 -17.23 23.82 -11.66
C ASP D 110 -15.76 24.25 -11.78
N TYR D 111 -15.17 24.10 -12.96
CA TYR D 111 -13.74 24.47 -13.13
C TYR D 111 -13.54 25.18 -14.46
N GLU D 112 -12.73 26.24 -14.46
CA GLU D 112 -12.38 26.92 -15.72
C GLU D 112 -11.44 25.98 -16.44
N SER D 113 -11.64 25.83 -17.75
CA SER D 113 -10.92 24.95 -18.70
C SER D 113 -11.36 23.50 -18.54
N PHE D 114 -12.49 23.27 -17.89
CA PHE D 114 -12.97 21.87 -17.74
C PHE D 114 -13.33 21.38 -19.12
N PRO D 115 -12.97 20.13 -19.50
CA PRO D 115 -13.27 19.59 -20.81
C PRO D 115 -14.68 19.06 -21.09
N ILE D 116 -15.56 19.91 -21.61
CA ILE D 116 -16.91 19.49 -22.03
C ILE D 116 -16.74 18.73 -23.34
N ASP D 117 -17.57 17.73 -23.61
CA ASP D 117 -17.41 16.87 -24.81
C ASP D 117 -17.89 17.57 -26.07
N THR D 118 -17.52 17.03 -27.22
CA THR D 118 -17.94 17.59 -28.52
C THR D 118 -19.46 17.46 -28.67
N GLY D 119 -20.05 16.39 -28.16
CA GLY D 119 -21.50 16.16 -28.31
C GLY D 119 -22.34 17.16 -27.55
N THR D 120 -21.98 17.48 -26.33
CA THR D 120 -22.79 18.46 -25.57
C THR D 120 -22.67 19.82 -26.24
N ILE D 121 -21.47 20.16 -26.73
CA ILE D 121 -21.23 21.47 -27.38
C ILE D 121 -22.07 21.60 -28.65
N VAL D 122 -21.98 20.65 -29.58
CA VAL D 122 -22.73 20.81 -30.86
C VAL D 122 -24.24 20.76 -30.63
N ALA D 123 -24.71 20.08 -29.59
CA ALA D 123 -26.17 19.99 -29.34
C ALA D 123 -26.66 21.32 -28.78
N CYS D 124 -25.83 22.00 -28.01
CA CYS D 124 -26.21 23.29 -27.39
C CYS D 124 -26.15 24.41 -28.44
N ASN D 125 -25.26 24.27 -29.42
CA ASN D 125 -25.06 25.30 -30.47
C ASN D 125 -26.09 25.16 -31.58
N ALA D 126 -26.42 23.94 -31.95
CA ALA D 126 -27.37 23.74 -33.06
C ALA D 126 -28.79 23.94 -32.57
N LEU D 127 -29.09 23.54 -31.34
CA LEU D 127 -30.47 23.68 -30.83
C LEU D 127 -30.63 25.01 -30.09
N LYS D 128 -29.57 25.79 -30.01
CA LYS D 128 -29.60 27.11 -29.34
C LYS D 128 -30.17 26.96 -27.93
N VAL D 129 -29.61 26.02 -27.18
CA VAL D 129 -30.00 25.79 -25.76
C VAL D 129 -28.77 26.04 -24.89
N GLY D 130 -28.95 26.14 -23.58
CA GLY D 130 -27.77 26.41 -22.73
C GLY D 130 -27.45 27.87 -22.77
N THR D 131 -28.45 28.71 -22.97
CA THR D 131 -28.22 30.17 -23.00
C THR D 131 -28.64 30.76 -21.65
N SER D 132 -28.69 32.07 -21.54
CA SER D 132 -29.03 32.68 -20.23
C SER D 132 -30.53 32.50 -19.94
N ASP D 133 -31.35 32.52 -20.99
CA ASP D 133 -32.82 32.42 -20.80
C ASP D 133 -33.24 30.96 -20.83
N LEU D 134 -32.35 30.07 -21.27
CA LEU D 134 -32.67 28.62 -21.33
C LEU D 134 -31.45 27.84 -20.87
N PRO D 135 -31.25 27.65 -19.56
CA PRO D 135 -30.09 26.95 -19.04
C PRO D 135 -30.20 25.43 -19.25
N VAL D 136 -29.08 24.75 -19.07
CA VAL D 136 -28.99 23.29 -19.30
C VAL D 136 -28.56 22.60 -18.02
N VAL D 137 -28.81 21.30 -17.89
CA VAL D 137 -28.33 20.49 -16.75
C VAL D 137 -27.72 19.26 -17.42
N VAL D 138 -26.41 19.12 -17.37
CA VAL D 138 -25.77 18.00 -18.12
C VAL D 138 -25.34 16.90 -17.17
N ALA D 139 -25.66 15.66 -17.50
CA ALA D 139 -25.25 14.49 -16.70
C ALA D 139 -24.18 13.72 -17.46
N SER D 140 -23.16 13.23 -16.76
CA SER D 140 -22.08 12.50 -17.43
C SER D 140 -22.44 11.06 -17.74
N ASN D 141 -21.57 10.39 -18.48
CA ASN D 141 -21.81 8.98 -18.82
C ASN D 141 -20.87 8.14 -17.98
N ASN D 142 -21.34 7.68 -16.83
CA ASN D 142 -20.49 6.77 -16.02
C ASN D 142 -20.36 5.48 -16.81
N LEU D 143 -19.14 4.96 -16.95
CA LEU D 143 -18.92 3.77 -17.81
C LEU D 143 -19.26 2.49 -17.05
N TYR D 144 -19.44 2.57 -15.74
CA TYR D 144 -19.84 1.38 -14.95
C TYR D 144 -21.35 1.36 -14.79
N ASP D 145 -22.04 2.33 -15.38
CA ASP D 145 -23.51 2.37 -15.33
C ASP D 145 -24.01 1.63 -16.56
N ASP D 146 -25.03 0.81 -16.41
CA ASP D 146 -25.53 0.04 -17.57
C ASP D 146 -26.82 0.66 -18.08
N GLN D 147 -27.49 -0.01 -19.01
CA GLN D 147 -28.73 0.55 -19.56
C GLN D 147 -29.74 0.75 -18.43
N ALA D 148 -29.95 -0.26 -17.60
CA ALA D 148 -30.92 -0.17 -16.48
C ALA D 148 -30.55 0.98 -15.56
N ALA D 149 -29.27 1.10 -15.23
CA ALA D 149 -28.81 2.16 -14.31
C ALA D 149 -28.99 3.55 -14.93
N THR D 150 -28.86 3.66 -16.25
CA THR D 150 -29.00 4.96 -16.95
C THR D 150 -30.46 5.41 -16.96
N GLU D 151 -31.39 4.47 -17.00
CA GLU D 151 -32.84 4.84 -16.99
C GLU D 151 -33.23 5.35 -15.61
N ARG D 152 -32.58 4.81 -14.59
CA ARG D 152 -32.87 5.16 -13.19
C ARG D 152 -32.34 6.56 -12.93
N LEU D 153 -31.23 6.90 -13.55
CA LEU D 153 -30.57 8.22 -13.36
C LEU D 153 -31.45 9.31 -13.97
N ALA D 154 -32.01 9.03 -15.13
CA ALA D 154 -32.89 9.97 -15.83
C ALA D 154 -34.17 10.19 -15.03
N ALA D 155 -34.74 9.12 -14.49
CA ALA D 155 -35.98 9.27 -13.72
C ALA D 155 -35.69 10.11 -12.47
N LEU D 156 -34.57 9.81 -11.84
CA LEU D 156 -34.08 10.51 -10.63
C LEU D 156 -34.00 12.02 -10.91
N ALA D 157 -33.42 12.39 -12.05
CA ALA D 157 -33.24 13.79 -12.45
C ALA D 157 -34.58 14.40 -12.83
N VAL D 158 -35.40 13.65 -13.55
CA VAL D 158 -36.72 14.19 -13.99
C VAL D 158 -37.63 14.37 -12.78
N ALA D 159 -37.51 13.51 -11.78
CA ALA D 159 -38.35 13.63 -10.57
C ALA D 159 -37.88 14.81 -9.74
N CYS D 160 -36.59 14.87 -9.50
CA CYS D 160 -35.96 15.96 -8.71
C CYS D 160 -36.33 17.32 -9.32
N ILE D 161 -36.20 17.47 -10.63
CA ILE D 161 -36.44 18.78 -11.29
C ILE D 161 -37.93 19.10 -11.40
N SER D 162 -38.79 18.10 -11.53
CA SER D 162 -40.24 18.37 -11.66
C SER D 162 -40.86 18.86 -10.35
N GLU D 163 -40.24 18.51 -9.21
CA GLU D 163 -40.73 18.89 -7.85
C GLU D 163 -40.56 20.38 -7.61
N LYS D 164 -39.63 21.02 -8.32
CA LYS D 164 -39.40 22.48 -8.23
C LYS D 164 -40.24 23.23 -9.27
N GLY D 165 -41.15 22.53 -9.94
CA GLY D 165 -42.11 23.14 -10.88
C GLY D 165 -41.46 23.65 -12.15
N LYS D 166 -40.55 22.87 -12.72
CA LYS D 166 -39.87 23.29 -13.96
C LYS D 166 -40.32 22.40 -15.11
N ARG D 167 -40.57 23.01 -16.26
CA ARG D 167 -40.93 22.28 -17.49
C ARG D 167 -39.59 21.83 -18.07
N ILE D 168 -39.46 20.55 -18.42
CA ILE D 168 -38.14 20.05 -18.89
C ILE D 168 -38.19 19.63 -20.35
N ALA D 169 -37.15 19.97 -21.11
CA ALA D 169 -36.96 19.46 -22.48
C ALA D 169 -35.73 18.58 -22.33
N VAL D 170 -35.83 17.31 -22.69
CA VAL D 170 -34.72 16.38 -22.46
C VAL D 170 -34.13 15.94 -23.79
N ILE D 171 -32.79 15.87 -23.84
CA ILE D 171 -32.01 15.49 -25.01
C ILE D 171 -31.04 14.37 -24.65
N GLY D 172 -31.00 13.32 -25.46
CA GLY D 172 -29.94 12.32 -25.42
C GLY D 172 -29.08 12.44 -26.67
N VAL D 173 -27.78 12.53 -26.46
CA VAL D 173 -26.84 12.94 -27.51
C VAL D 173 -25.95 11.76 -27.85
N GLY D 174 -26.13 11.21 -29.04
CA GLY D 174 -25.40 10.03 -29.45
C GLY D 174 -25.96 9.48 -30.74
N GLY D 175 -25.25 8.49 -31.29
CA GLY D 175 -25.57 7.93 -32.59
C GLY D 175 -26.34 6.62 -32.50
N LEU D 176 -26.41 5.94 -33.65
CA LEU D 176 -27.08 4.64 -33.77
C LEU D 176 -26.01 3.57 -33.95
N SER D 177 -25.91 2.96 -35.12
CA SER D 177 -24.84 1.95 -35.36
C SER D 177 -23.49 2.64 -35.23
N GLY D 178 -22.51 2.00 -34.61
CA GLY D 178 -21.24 2.70 -34.35
C GLY D 178 -20.06 2.27 -35.18
N SER D 179 -20.25 1.55 -36.28
CA SER D 179 -19.09 1.14 -37.09
C SER D 179 -18.63 2.26 -38.03
N VAL D 180 -17.61 3.01 -37.65
CA VAL D 180 -17.04 4.04 -38.55
C VAL D 180 -16.09 3.49 -39.59
N PHE D 181 -15.76 4.32 -40.57
CA PHE D 181 -14.63 4.05 -41.46
C PHE D 181 -13.34 4.33 -40.73
N THR D 182 -12.31 3.54 -41.02
CA THR D 182 -11.02 3.63 -40.34
C THR D 182 -9.91 4.07 -41.28
N THR D 183 -10.29 4.61 -42.43
CA THR D 183 -9.41 5.15 -43.47
C THR D 183 -9.96 6.48 -43.96
N ALA D 184 -9.12 7.27 -44.62
CA ALA D 184 -9.60 8.52 -45.18
C ALA D 184 -10.44 8.24 -46.43
N ILE D 185 -11.62 8.84 -46.49
CA ILE D 185 -12.58 8.59 -47.55
C ILE D 185 -13.07 9.94 -48.10
N ASP D 186 -13.54 9.88 -49.34
CA ASP D 186 -14.26 10.98 -49.96
C ASP D 186 -15.61 11.14 -49.25
N PRO D 187 -15.92 12.30 -48.67
CA PRO D 187 -17.22 12.46 -47.99
C PRO D 187 -18.42 12.19 -48.88
N ALA D 188 -18.31 12.45 -50.18
CA ALA D 188 -19.40 12.14 -51.10
C ALA D 188 -19.68 10.65 -51.25
N GLU D 189 -18.86 9.80 -50.63
CA GLU D 189 -19.12 8.35 -50.68
C GLU D 189 -19.57 7.86 -49.31
N ASP D 190 -19.87 8.76 -48.39
CA ASP D 190 -20.28 8.34 -47.04
C ASP D 190 -21.53 7.49 -47.13
N ARG D 191 -21.52 6.34 -46.46
CA ARG D 191 -22.65 5.39 -46.42
C ARG D 191 -22.57 4.58 -45.12
N VAL D 192 -23.64 3.89 -44.73
CA VAL D 192 -23.51 3.02 -43.54
C VAL D 192 -22.75 1.77 -43.98
N VAL D 193 -21.77 1.35 -43.20
CA VAL D 193 -20.86 0.21 -43.49
C VAL D 193 -21.60 -1.05 -43.94
N LYS D 194 -22.18 -1.78 -42.98
CA LYS D 194 -22.85 -3.07 -43.27
C LYS D 194 -24.35 -2.88 -43.44
N ALA D 195 -24.93 -3.58 -44.40
CA ALA D 195 -26.38 -3.52 -44.62
C ALA D 195 -27.17 -4.02 -43.41
N VAL D 196 -26.62 -4.98 -42.66
CA VAL D 196 -27.35 -5.42 -41.48
C VAL D 196 -27.50 -4.27 -40.50
N GLU D 197 -26.42 -3.52 -40.29
CA GLU D 197 -26.50 -2.32 -39.46
C GLU D 197 -27.53 -1.34 -40.00
N ASP D 198 -27.47 -1.06 -41.31
CA ASP D 198 -28.43 -0.14 -41.91
C ASP D 198 -29.86 -0.56 -41.60
N ASP D 199 -30.15 -1.85 -41.71
CA ASP D 199 -31.51 -2.34 -41.51
C ASP D 199 -31.96 -2.24 -40.04
N CYS D 200 -31.05 -2.53 -39.10
CA CYS D 200 -31.40 -2.42 -37.69
C CYS D 200 -31.71 -1.00 -37.32
N ASN D 201 -30.94 -0.05 -37.84
CA ASN D 201 -31.21 1.35 -37.55
C ASN D 201 -32.60 1.71 -38.01
N LYS D 202 -32.92 1.40 -39.28
CA LYS D 202 -34.24 1.71 -39.83
C LYS D 202 -35.35 1.04 -39.02
N ASN D 203 -35.08 -0.14 -38.51
CA ASN D 203 -36.09 -0.90 -37.72
C ASN D 203 -36.28 -0.27 -36.35
N ILE D 204 -35.20 0.04 -35.63
CA ILE D 204 -35.40 0.66 -34.29
C ILE D 204 -36.01 2.04 -34.46
N LEU D 205 -35.85 2.66 -35.63
CA LEU D 205 -36.41 4.01 -35.83
C LEU D 205 -37.89 3.91 -36.15
N SER D 206 -38.30 2.86 -36.86
CA SER D 206 -39.72 2.68 -37.24
C SER D 206 -40.55 2.29 -36.02
N LEU D 207 -39.93 1.65 -35.04
CA LEU D 207 -40.66 1.26 -33.81
C LEU D 207 -40.92 2.50 -32.98
N MET D 208 -40.01 3.46 -33.05
CA MET D 208 -40.16 4.75 -32.34
C MET D 208 -41.30 5.52 -33.01
N GLU D 209 -41.24 5.70 -34.32
CA GLU D 209 -42.25 6.42 -35.09
C GLU D 209 -43.68 6.00 -34.73
N SER D 210 -43.89 4.70 -34.55
CA SER D 210 -45.22 4.17 -34.26
C SER D 210 -45.47 3.96 -32.78
N GLY D 211 -44.49 4.24 -31.93
CA GLY D 211 -44.73 4.17 -30.49
C GLY D 211 -44.98 2.79 -29.96
N ASN D 212 -44.62 1.76 -30.72
CA ASN D 212 -44.76 0.37 -30.30
C ASN D 212 -43.74 0.07 -29.20
N ILE D 213 -44.09 0.45 -27.98
CA ILE D 213 -43.13 0.35 -26.87
C ILE D 213 -42.77 -1.10 -26.59
N GLN D 214 -43.75 -2.00 -26.68
CA GLN D 214 -43.51 -3.41 -26.41
C GLN D 214 -42.54 -4.02 -27.42
N ALA D 215 -42.71 -3.72 -28.71
CA ALA D 215 -41.78 -4.23 -29.71
C ALA D 215 -40.42 -3.56 -29.63
N LEU D 216 -40.36 -2.29 -29.22
CA LEU D 216 -39.08 -1.60 -29.07
C LEU D 216 -38.23 -2.26 -27.98
N ARG D 217 -38.84 -2.56 -26.81
CA ARG D 217 -38.12 -3.25 -25.76
C ARG D 217 -37.57 -4.59 -26.25
N GLU D 218 -38.40 -5.35 -26.96
CA GLU D 218 -37.96 -6.63 -27.51
C GLU D 218 -36.76 -6.43 -28.45
N ALA D 219 -36.84 -5.43 -29.33
CA ALA D 219 -35.73 -5.16 -30.23
C ALA D 219 -34.49 -4.75 -29.45
N LEU D 220 -34.69 -3.99 -28.36
CA LEU D 220 -33.55 -3.53 -27.56
C LEU D 220 -32.79 -4.66 -26.87
N LYS D 221 -33.42 -5.83 -26.67
CA LYS D 221 -32.69 -7.01 -26.20
C LYS D 221 -31.47 -7.32 -27.07
N SER D 222 -31.52 -7.03 -28.37
CA SER D 222 -30.43 -7.41 -29.25
C SER D 222 -29.87 -6.26 -30.11
N TYR D 223 -30.48 -5.08 -30.10
CA TYR D 223 -30.06 -4.00 -31.03
C TYR D 223 -28.62 -3.54 -30.85
N SER D 224 -28.20 -3.33 -29.60
CA SER D 224 -26.85 -2.81 -29.29
C SER D 224 -25.75 -3.74 -29.78
N LYS D 225 -25.94 -5.04 -29.63
CA LYS D 225 -24.88 -6.00 -30.00
C LYS D 225 -24.86 -6.23 -31.51
N GLU D 226 -26.02 -6.23 -32.16
CA GLU D 226 -26.11 -6.51 -33.60
C GLU D 226 -25.67 -5.32 -34.44
N ALA D 227 -26.02 -4.11 -34.02
CA ALA D 227 -25.67 -2.89 -34.73
C ALA D 227 -24.37 -2.26 -34.23
N ARG D 228 -23.79 -2.87 -33.19
CA ARG D 228 -22.60 -2.30 -32.52
C ARG D 228 -22.94 -0.86 -32.21
N ALA D 229 -24.14 -0.63 -31.66
CA ALA D 229 -24.62 0.70 -31.31
C ALA D 229 -23.62 1.43 -30.40
N GLU D 230 -23.50 2.74 -30.61
CA GLU D 230 -22.64 3.57 -29.77
C GLU D 230 -22.97 3.39 -28.29
N MET D 231 -21.94 3.10 -27.48
CA MET D 231 -22.04 3.16 -26.02
C MET D 231 -23.24 2.37 -25.50
N GLY D 232 -23.42 1.19 -26.06
CA GLY D 232 -24.52 0.32 -25.66
C GLY D 232 -25.88 0.94 -25.82
N PHE D 233 -26.04 1.92 -26.72
CA PHE D 233 -27.28 2.68 -26.88
C PHE D 233 -27.72 3.36 -25.58
N LYS D 234 -26.81 3.55 -24.61
CA LYS D 234 -27.22 4.05 -23.30
C LYS D 234 -27.92 5.39 -23.41
N HIS D 235 -27.47 6.24 -24.33
CA HIS D 235 -28.10 7.56 -24.45
C HIS D 235 -29.56 7.45 -24.82
N PHE D 236 -29.97 6.36 -25.48
CA PHE D 236 -31.41 6.19 -25.69
C PHE D 236 -32.11 5.69 -24.45
N HIS D 237 -31.42 4.94 -23.58
CA HIS D 237 -32.03 4.59 -22.30
C HIS D 237 -32.16 5.81 -21.39
N TRP D 238 -31.33 6.83 -21.60
CA TRP D 238 -31.54 8.09 -20.92
C TRP D 238 -32.89 8.70 -21.27
N LEU D 239 -33.27 8.67 -22.55
CA LEU D 239 -34.58 9.20 -22.93
C LEU D 239 -35.71 8.34 -22.36
N LEU D 240 -35.59 7.02 -22.45
CA LEU D 240 -36.67 6.16 -21.93
C LEU D 240 -36.88 6.39 -20.44
N GLY D 241 -35.80 6.40 -19.65
CA GLY D 241 -35.92 6.62 -18.22
C GLY D 241 -36.53 7.97 -17.88
N ALA D 242 -36.36 8.95 -18.74
CA ALA D 242 -36.91 10.27 -18.50
C ALA D 242 -38.40 10.35 -18.84
N LEU D 243 -38.87 9.49 -19.74
CA LEU D 243 -40.29 9.43 -20.10
C LEU D 243 -41.03 8.29 -19.43
N ASP D 244 -40.38 7.59 -18.51
CA ASP D 244 -40.97 6.44 -17.80
C ASP D 244 -41.37 5.34 -18.76
N GLY D 245 -40.58 5.15 -19.82
CA GLY D 245 -40.76 4.03 -20.70
C GLY D 245 -41.95 4.15 -21.64
N HIS D 246 -42.60 5.31 -21.69
CA HIS D 246 -43.74 5.51 -22.57
C HIS D 246 -43.60 6.80 -23.38
N PHE D 247 -43.94 6.71 -24.66
CA PHE D 247 -44.25 7.88 -25.47
C PHE D 247 -45.25 7.48 -26.56
N LYS D 248 -45.90 8.47 -27.16
CA LYS D 248 -47.00 8.17 -28.08
C LYS D 248 -46.47 7.79 -29.47
N GLY D 249 -45.30 8.28 -29.82
CA GLY D 249 -44.80 8.10 -31.17
C GLY D 249 -43.61 9.02 -31.37
N ALA D 250 -43.14 9.10 -32.61
CA ALA D 250 -41.95 9.90 -32.87
C ALA D 250 -41.95 10.37 -34.31
N THR D 251 -41.26 11.49 -34.53
CA THR D 251 -40.96 12.02 -35.86
C THR D 251 -39.47 11.90 -36.14
N VAL D 252 -39.11 11.18 -37.20
CA VAL D 252 -37.72 11.13 -37.62
C VAL D 252 -37.47 12.27 -38.61
N HIS D 253 -36.76 13.30 -38.16
CA HIS D 253 -36.44 14.44 -39.01
C HIS D 253 -35.29 14.16 -39.99
N HIS D 254 -34.39 13.20 -39.70
CA HIS D 254 -33.35 12.80 -40.65
C HIS D 254 -32.63 11.54 -40.18
N TYR D 255 -32.27 10.69 -41.14
CA TYR D 255 -31.44 9.51 -40.87
C TYR D 255 -30.43 9.36 -41.99
N GLY D 256 -29.21 9.01 -41.63
CA GLY D 256 -28.17 8.85 -42.61
C GLY D 256 -26.86 8.38 -42.00
N ALA D 257 -25.78 8.60 -42.74
CA ALA D 257 -24.46 8.18 -42.34
C ALA D 257 -23.57 9.37 -41.96
N LEU D 258 -22.76 9.18 -40.92
CA LEU D 258 -21.71 10.11 -40.49
C LEU D 258 -20.42 9.30 -40.31
N TYR D 259 -19.56 9.35 -41.32
CA TYR D 259 -18.31 8.56 -41.38
C TYR D 259 -18.55 7.07 -41.06
N GLY D 260 -19.67 6.53 -41.54
CA GLY D 260 -19.96 5.12 -41.46
C GLY D 260 -20.90 4.76 -40.33
N SER D 261 -20.99 5.63 -39.33
CA SER D 261 -21.91 5.43 -38.22
C SER D 261 -23.33 5.75 -38.68
N GLY D 262 -24.30 5.16 -37.98
CA GLY D 262 -25.68 5.51 -38.17
C GLY D 262 -26.05 6.62 -37.20
N ALA D 263 -26.82 7.59 -37.69
CA ALA D 263 -27.20 8.72 -36.86
C ALA D 263 -28.58 9.21 -37.29
N ALA D 264 -29.33 9.75 -36.33
CA ALA D 264 -30.69 10.19 -36.58
C ALA D 264 -31.00 11.39 -35.70
N VAL D 265 -31.90 12.25 -36.19
CA VAL D 265 -32.51 13.31 -35.39
C VAL D 265 -33.96 12.93 -35.21
N VAL D 266 -34.38 12.76 -33.94
CA VAL D 266 -35.70 12.22 -33.63
C VAL D 266 -36.37 13.13 -32.60
N GLU D 267 -37.58 13.63 -32.92
CA GLU D 267 -38.47 14.27 -31.96
C GLU D 267 -39.48 13.24 -31.49
N PHE D 268 -39.86 13.32 -30.21
CA PHE D 268 -40.72 12.32 -29.58
C PHE D 268 -42.07 12.93 -29.22
N SER D 269 -43.13 12.23 -29.59
CA SER D 269 -44.49 12.62 -29.24
C SER D 269 -44.77 12.13 -27.82
N ILE D 270 -44.90 13.07 -26.89
CA ILE D 270 -45.05 12.76 -25.49
C ILE D 270 -46.49 12.37 -25.17
ZN ZN E . 10.12 -5.17 15.78
N 2AF F . 9.05 -6.90 14.24
O 2AF F . 9.27 -4.27 13.26
C1 2AF F . 8.19 -6.44 13.13
C2 2AF F . 8.34 -5.12 12.66
C3 2AF F . 7.56 -4.67 11.59
C4 2AF F . 6.65 -5.53 11.03
C5 2AF F . 6.49 -6.81 11.52
C6 2AF F . 7.25 -7.28 12.55
N 2AF G . -5.23 7.54 -15.74
O 2AF G . -3.91 5.15 -15.47
C1 2AF G . -5.04 6.98 -14.39
C2 2AF G . -4.37 5.76 -14.28
C3 2AF G . -4.14 5.19 -13.03
C4 2AF G . -4.62 5.83 -11.92
C5 2AF G . -5.32 7.03 -12.02
C6 2AF G . -5.53 7.63 -13.25
C1 GOL H . -7.61 9.51 -16.34
O1 GOL H . -7.45 10.83 -15.94
C2 GOL H . -9.09 9.33 -16.82
O2 GOL H . -9.30 9.62 -18.20
C3 GOL H . -9.45 7.84 -16.41
O3 GOL H . -8.32 7.04 -16.60
ZN ZN I . -4.93 5.93 -17.71
C1 GOL J . -11.89 6.43 -20.07
O1 GOL J . -11.09 6.17 -18.92
C2 GOL J . -10.94 6.36 -21.37
O2 GOL J . -11.43 5.50 -22.39
C3 GOL J . -10.82 7.86 -21.85
O3 GOL J . -9.49 8.10 -22.27
#